data_9N6Q
#
_entry.id   9N6Q
#
_cell.length_a   61.720
_cell.length_b   105.470
_cell.length_c   106.120
_cell.angle_alpha   90.000
_cell.angle_beta   90.000
_cell.angle_gamma   90.000
#
_symmetry.space_group_name_H-M   'P 21 21 21'
#
loop_
_entity.id
_entity.type
_entity.pdbx_description
1 polymer 'Dihydroorotate dehydrogenase'
2 non-polymer 5-ethyl-1,3-diazinane-2,4,6-trione
3 non-polymer 'FLAVIN MONONUCLEOTIDE'
4 non-polymer 'SULFATE ION'
5 non-polymer GLYCEROL
6 water water
#
_entity_poly.entity_id   1
_entity_poly.type   'polypeptide(L)'
_entity_poly.pdbx_seq_one_letter_code
;MGSSHHHHHHSSGLVPRGSHMASMTGGGQMGRGSMSLQVGILGNTFANPFMNAAGVMCSTEEELAAMTESTSGSLITKSC
TPALREGNPAPRYYTLPLGSINSMGLPNKGFDFYLAYSARHHDYSRKPLFISISGFSAEENAEMCKRLAPVAAEKGVILE
LNLSCPNVPGKPQVAYDFDAMRRYLAAISEAYPHPFGVKMPPYFDFAHFDAAAEILNQFPKVQFITCINSIGNGLVIDVE
TESVVIKPKQGFGGLGGRYVFPTALANVNAFYRRCPGKLIFGCGGVYTGEDAFLHVLAGASMVQVGTALHEEGAAIFERL
TAELLDVMAKKGYKALDEFRGKVKAMD
;
_entity_poly.pdbx_strand_id   A,B
#
loop_
_chem_comp.id
_chem_comp.type
_chem_comp.name
_chem_comp.formula
A1BWI non-polymer 5-ethyl-1,3-diazinane-2,4,6-trione 'C6 H8 N2 O3'
FMN non-polymer 'FLAVIN MONONUCLEOTIDE' 'C17 H21 N4 O9 P'
GOL non-polymer GLYCEROL 'C3 H8 O3'
SO4 non-polymer 'SULFATE ION' 'O4 S -2'
#
# COMPACT_ATOMS: atom_id res chain seq x y z
N SER A 34 31.79 21.05 9.46
CA SER A 34 32.58 19.78 9.28
C SER A 34 31.68 18.58 8.97
N MET A 35 30.38 18.82 8.74
CA MET A 35 29.48 17.82 8.21
C MET A 35 29.27 18.06 6.72
N SER A 36 28.82 17.00 6.02
CA SER A 36 28.57 17.09 4.60
C SER A 36 27.38 16.21 4.23
N LEU A 37 26.59 16.67 3.27
CA LEU A 37 25.54 15.88 2.68
C LEU A 37 25.99 15.23 1.38
N GLN A 38 27.28 15.29 1.07
CA GLN A 38 27.75 14.83 -0.23
C GLN A 38 27.54 13.33 -0.36
N VAL A 39 27.28 12.91 -1.59
CA VAL A 39 27.03 11.51 -1.92
C VAL A 39 27.96 11.21 -3.08
N GLY A 40 28.92 10.34 -2.87
CA GLY A 40 29.84 10.04 -3.95
C GLY A 40 29.44 8.77 -4.65
N ILE A 41 28.68 8.87 -5.74
CA ILE A 41 28.15 7.68 -6.39
C ILE A 41 28.17 7.82 -7.91
N LEU A 42 28.26 6.65 -8.56
CA LEU A 42 28.32 6.57 -10.00
C LEU A 42 29.45 7.44 -10.55
N GLY A 43 30.53 7.54 -9.79
CA GLY A 43 31.66 8.35 -10.22
C GLY A 43 31.42 9.84 -10.23
N ASN A 44 30.37 10.29 -9.54
CA ASN A 44 30.03 11.70 -9.42
C ASN A 44 30.05 12.06 -7.95
N THR A 45 30.38 13.30 -7.63
CA THR A 45 30.15 13.83 -6.30
C THR A 45 28.87 14.67 -6.36
N PHE A 46 27.82 14.21 -5.69
CA PHE A 46 26.57 14.97 -5.57
C PHE A 46 26.65 15.83 -4.32
N ALA A 47 26.18 17.08 -4.42
CA ALA A 47 26.28 17.99 -3.27
C ALA A 47 25.43 17.53 -2.09
N ASN A 48 24.30 16.90 -2.37
CA ASN A 48 23.40 16.38 -1.35
C ASN A 48 22.55 15.29 -1.98
N PRO A 49 21.85 14.49 -1.19
CA PRO A 49 21.14 13.32 -1.75
C PRO A 49 19.80 13.63 -2.41
N PHE A 50 19.35 14.89 -2.40
CA PHE A 50 18.00 15.20 -2.81
C PHE A 50 17.88 15.44 -4.31
N MET A 51 16.78 14.96 -4.87
CA MET A 51 16.36 15.29 -6.22
C MET A 51 14.84 15.16 -6.31
N ASN A 52 14.29 15.63 -7.42
CA ASN A 52 12.88 15.41 -7.70
C ASN A 52 12.64 13.95 -8.07
N ALA A 53 11.40 13.51 -7.83
CA ALA A 53 10.94 12.23 -8.33
C ALA A 53 10.59 12.36 -9.81
N ALA A 54 10.81 11.30 -10.57
CA ALA A 54 10.46 11.34 -11.98
C ALA A 54 8.97 11.65 -12.13
N GLY A 55 8.66 12.60 -13.02
CA GLY A 55 7.30 13.02 -13.27
C GLY A 55 6.89 14.29 -12.59
N VAL A 56 7.63 14.76 -11.61
CA VAL A 56 7.26 15.93 -10.81
C VAL A 56 8.24 17.06 -11.14
N MET A 57 7.74 18.12 -11.77
CA MET A 57 8.52 19.32 -12.09
C MET A 57 9.71 19.00 -12.99
N CYS A 58 9.41 18.35 -14.12
CA CYS A 58 10.51 17.92 -15.00
C CYS A 58 10.03 17.58 -16.40
N SER A 59 8.90 18.12 -16.85
CA SER A 59 8.36 17.81 -18.18
C SER A 59 8.67 18.89 -19.22
N THR A 60 8.86 20.13 -18.77
CA THR A 60 9.07 21.27 -19.66
C THR A 60 10.48 21.82 -19.48
N GLU A 61 10.92 22.60 -20.47
CA GLU A 61 12.18 23.32 -20.32
C GLU A 61 12.15 24.23 -19.09
N GLU A 62 10.99 24.83 -18.81
CA GLU A 62 10.89 25.76 -17.69
C GLU A 62 11.05 25.04 -16.35
N GLU A 63 10.42 23.87 -16.21
CA GLU A 63 10.51 23.14 -14.95
C GLU A 63 11.91 22.58 -14.74
N LEU A 64 12.48 21.98 -15.79
CA LEU A 64 13.85 21.47 -15.67
C LEU A 64 14.82 22.59 -15.31
N ALA A 65 14.62 23.78 -15.86
CA ALA A 65 15.48 24.90 -15.52
C ALA A 65 15.38 25.23 -14.03
N ALA A 66 14.15 25.31 -13.50
CA ALA A 66 13.96 25.62 -12.09
C ALA A 66 14.59 24.56 -11.20
N MET A 67 14.55 23.28 -11.62
CA MET A 67 15.25 22.24 -10.87
C MET A 67 16.77 22.44 -10.91
N THR A 68 17.34 22.71 -12.10
CA THR A 68 18.78 22.92 -12.14
C THR A 68 19.20 24.12 -11.29
N GLU A 69 18.34 25.15 -11.20
CA GLU A 69 18.65 26.31 -10.37
C GLU A 69 18.45 26.05 -8.89
N SER A 70 17.63 25.06 -8.53
CA SER A 70 17.39 24.73 -7.14
C SER A 70 18.67 24.27 -6.46
N THR A 71 18.59 24.11 -5.14
CA THR A 71 19.70 23.59 -4.36
C THR A 71 19.75 22.05 -4.33
N SER A 72 18.97 21.37 -5.16
CA SER A 72 18.96 19.92 -5.18
C SER A 72 20.27 19.35 -5.69
N GLY A 73 20.64 18.18 -5.15
CA GLY A 73 21.85 17.50 -5.60
C GLY A 73 21.78 16.99 -7.02
N SER A 74 20.58 16.82 -7.56
CA SER A 74 20.42 16.35 -8.92
C SER A 74 18.99 16.58 -9.35
N LEU A 75 18.64 16.02 -10.51
CA LEU A 75 17.30 16.13 -11.07
C LEU A 75 17.14 15.03 -12.10
N ILE A 76 15.89 14.69 -12.40
CA ILE A 76 15.56 13.63 -13.34
C ILE A 76 14.41 14.10 -14.21
N THR A 77 14.34 13.62 -15.43
CA THR A 77 13.34 14.05 -16.38
C THR A 77 12.05 13.23 -16.26
N LYS A 78 10.97 13.78 -16.81
CA LYS A 78 9.73 13.03 -16.94
C LYS A 78 9.99 11.75 -17.71
N SER A 79 9.32 10.67 -17.31
CA SER A 79 9.44 9.40 -18.01
C SER A 79 8.94 9.56 -19.43
N CYS A 80 9.84 9.48 -20.40
CA CYS A 80 9.51 9.78 -21.79
C CYS A 80 9.32 8.52 -22.62
N THR A 81 8.52 8.67 -23.67
CA THR A 81 8.19 7.66 -24.66
C THR A 81 8.77 8.06 -26.00
N PRO A 82 8.94 7.10 -26.91
CA PRO A 82 9.54 7.44 -28.22
C PRO A 82 8.92 8.65 -28.89
N ALA A 83 7.59 8.69 -28.97
CA ALA A 83 6.88 9.83 -29.52
C ALA A 83 6.22 10.60 -28.39
N LEU A 84 5.87 11.86 -28.69
CA LEU A 84 5.17 12.69 -27.70
C LEU A 84 3.79 12.09 -27.42
N ARG A 85 3.35 12.21 -26.16
CA ARG A 85 2.04 11.75 -25.71
C ARG A 85 1.29 12.92 -25.09
N GLU A 86 0.02 13.10 -25.47
CA GLU A 86 -0.77 14.19 -24.92
C GLU A 86 -1.03 13.99 -23.43
N GLY A 87 -1.35 12.77 -23.02
CA GLY A 87 -1.65 12.45 -21.64
C GLY A 87 -3.12 12.08 -21.47
N ASN A 88 -3.38 11.41 -20.34
CA ASN A 88 -4.74 10.99 -20.02
C ASN A 88 -5.65 12.20 -19.86
N PRO A 89 -6.96 11.99 -19.90
CA PRO A 89 -7.89 13.11 -19.66
C PRO A 89 -7.76 13.65 -18.25
N ALA A 90 -8.01 14.96 -18.11
CA ALA A 90 -7.89 15.64 -16.84
C ALA A 90 -9.22 15.67 -16.10
N PRO A 91 -9.21 15.87 -14.77
CA PRO A 91 -8.03 16.00 -13.89
C PRO A 91 -7.28 14.67 -13.76
N ARG A 92 -5.96 14.72 -13.81
CA ARG A 92 -5.13 13.54 -13.69
C ARG A 92 -4.32 13.51 -12.40
N TYR A 93 -4.29 14.61 -11.65
CA TYR A 93 -3.66 14.71 -10.36
C TYR A 93 -4.69 15.26 -9.37
N TYR A 94 -4.45 15.02 -8.09
CA TYR A 94 -5.35 15.58 -7.07
C TYR A 94 -4.65 15.54 -5.72
N THR A 95 -4.64 16.69 -5.05
CA THR A 95 -4.05 16.80 -3.73
C THR A 95 -4.99 16.19 -2.70
N LEU A 96 -4.43 15.39 -1.81
CA LEU A 96 -5.14 14.73 -0.73
C LEU A 96 -4.65 15.30 0.60
N PRO A 97 -5.42 15.14 1.67
CA PRO A 97 -4.96 15.68 2.96
C PRO A 97 -3.63 15.06 3.37
N LEU A 98 -3.41 13.80 3.03
CA LEU A 98 -2.22 13.07 3.42
C LEU A 98 -1.31 12.75 2.23
N GLY A 99 -1.56 13.33 1.07
CA GLY A 99 -0.73 13.01 -0.06
C GLY A 99 -1.30 13.37 -1.41
N SER A 100 -1.26 12.43 -2.35
CA SER A 100 -1.69 12.71 -3.70
C SER A 100 -2.13 11.41 -4.36
N ILE A 101 -2.98 11.57 -5.37
CA ILE A 101 -3.36 10.49 -6.27
C ILE A 101 -3.22 11.04 -7.68
N ASN A 102 -2.84 10.18 -8.63
CA ASN A 102 -2.68 10.63 -10.01
C ASN A 102 -2.88 9.50 -10.99
N SER A 103 -3.37 9.84 -12.18
CA SER A 103 -3.31 8.98 -13.35
C SER A 103 -2.80 9.85 -14.52
N MET A 104 -1.52 10.23 -14.45
CA MET A 104 -0.96 11.11 -15.48
C MET A 104 -0.91 10.42 -16.85
N GLY A 105 -0.65 9.11 -16.86
CA GLY A 105 -0.57 8.37 -18.10
C GLY A 105 0.68 8.68 -18.90
N PRO A 107 2.21 11.64 -20.17
CA PRO A 107 2.25 12.95 -20.83
C PRO A 107 3.68 13.52 -20.91
N ASN A 108 4.27 13.50 -22.11
CA ASN A 108 5.66 13.89 -22.28
C ASN A 108 5.86 14.50 -23.65
N LYS A 109 6.92 15.32 -23.77
CA LYS A 109 7.30 15.93 -25.03
C LYS A 109 7.96 14.95 -26.00
N GLY A 110 8.13 13.70 -25.61
CA GLY A 110 8.78 12.71 -26.47
C GLY A 110 10.25 12.54 -26.14
N PHE A 111 10.75 11.32 -26.39
CA PHE A 111 12.16 11.02 -26.11
C PHE A 111 13.08 12.02 -26.80
N ASP A 112 12.72 12.44 -28.02
CA ASP A 112 13.57 13.36 -28.77
C ASP A 112 13.80 14.64 -28.01
N PHE A 113 12.78 15.13 -27.29
CA PHE A 113 12.93 16.36 -26.53
C PHE A 113 13.93 16.20 -25.38
N TYR A 114 13.75 15.16 -24.56
CA TYR A 114 14.55 15.03 -23.35
C TYR A 114 15.98 14.63 -23.68
N LEU A 115 16.17 13.84 -24.73
CA LEU A 115 17.52 13.53 -25.19
C LEU A 115 18.25 14.80 -25.60
N ALA A 116 17.63 15.62 -26.44
CA ALA A 116 18.26 16.87 -26.85
C ALA A 116 18.50 17.80 -25.67
N TYR A 117 17.64 17.75 -24.66
CA TYR A 117 17.91 18.48 -23.43
C TYR A 117 19.20 18.00 -22.78
N SER A 118 19.38 16.67 -22.71
CA SER A 118 20.63 16.12 -22.23
C SER A 118 21.78 16.44 -23.17
N ALA A 119 21.50 16.47 -24.48
CA ALA A 119 22.55 16.69 -25.47
C ALA A 119 23.16 18.08 -25.33
N ARG A 120 22.33 19.12 -25.37
CA ARG A 120 22.85 20.47 -25.57
C ARG A 120 22.24 21.56 -24.70
N HIS A 121 21.45 21.23 -23.68
CA HIS A 121 20.74 22.26 -22.91
C HIS A 121 20.92 22.18 -21.40
N HIS A 122 21.31 21.05 -20.84
CA HIS A 122 21.46 20.95 -19.39
C HIS A 122 22.85 21.43 -18.96
N ASP A 123 22.88 22.32 -17.97
CA ASP A 123 24.14 22.77 -17.38
C ASP A 123 24.68 21.70 -16.43
N TYR A 124 25.50 20.80 -16.97
CA TYR A 124 26.09 19.76 -16.13
C TYR A 124 27.05 20.32 -15.10
N SER A 125 27.50 21.57 -15.25
CA SER A 125 28.34 22.16 -14.22
C SER A 125 27.56 22.50 -12.97
N ARG A 126 26.22 22.54 -13.06
CA ARG A 126 25.38 22.74 -11.87
C ARG A 126 25.25 21.44 -11.09
N LYS A 127 24.79 20.38 -11.75
CA LYS A 127 24.52 19.11 -11.09
C LYS A 127 24.34 18.02 -12.16
N PRO A 128 24.58 16.76 -11.80
CA PRO A 128 24.33 15.65 -12.74
C PRO A 128 22.85 15.52 -13.08
N LEU A 129 22.59 14.88 -14.22
CA LEU A 129 21.25 14.72 -14.76
C LEU A 129 20.92 13.25 -14.99
N PHE A 130 19.71 12.85 -14.57
CA PHE A 130 19.14 11.55 -14.89
C PHE A 130 18.04 11.72 -15.93
N ILE A 131 17.93 10.72 -16.81
CA ILE A 131 16.86 10.65 -17.79
C ILE A 131 16.03 9.39 -17.50
N SER A 132 14.71 9.56 -17.42
CA SER A 132 13.81 8.44 -17.21
C SER A 132 13.15 8.08 -18.55
N ILE A 133 13.11 6.79 -18.85
CA ILE A 133 12.43 6.30 -20.04
C ILE A 133 11.47 5.20 -19.61
N SER A 134 10.33 5.12 -20.30
CA SER A 134 9.31 4.14 -20.01
C SER A 134 8.66 3.78 -21.34
N GLY A 135 9.42 3.11 -22.19
CA GLY A 135 8.87 2.57 -23.42
C GLY A 135 7.95 1.40 -23.15
N PHE A 136 7.07 1.13 -24.12
CA PHE A 136 6.00 0.16 -23.95
C PHE A 136 6.41 -1.23 -24.39
N SER A 137 7.71 -1.47 -24.56
CA SER A 137 8.18 -2.74 -25.10
C SER A 137 9.67 -2.85 -24.82
N ALA A 138 10.18 -4.09 -24.91
CA ALA A 138 11.63 -4.31 -24.90
C ALA A 138 12.28 -3.60 -26.08
N GLU A 139 11.77 -3.85 -27.30
CA GLU A 139 12.37 -3.24 -28.49
C GLU A 139 12.25 -1.72 -28.44
N GLU A 140 11.12 -1.21 -27.96
CA GLU A 140 10.94 0.23 -27.85
C GLU A 140 12.05 0.86 -27.00
N ASN A 141 12.19 0.38 -25.76
CA ASN A 141 13.23 0.90 -24.88
C ASN A 141 14.62 0.74 -25.47
N ALA A 142 14.91 -0.43 -26.05
CA ALA A 142 16.25 -0.69 -26.57
C ALA A 142 16.62 0.30 -27.66
N GLU A 143 15.73 0.52 -28.63
CA GLU A 143 16.00 1.52 -29.67
C GLU A 143 16.22 2.90 -29.06
N MET A 144 15.62 3.15 -27.90
CA MET A 144 15.78 4.44 -27.23
C MET A 144 17.11 4.49 -26.49
N CYS A 145 17.55 3.36 -25.94
CA CYS A 145 18.85 3.32 -25.26
C CYS A 145 19.99 3.45 -26.25
N LYS A 146 19.85 2.89 -27.45
CA LYS A 146 20.89 3.01 -28.47
C LYS A 146 21.12 4.47 -28.83
N ARG A 147 20.03 5.27 -28.92
CA ARG A 147 20.19 6.69 -29.25
C ARG A 147 20.78 7.48 -28.08
N LEU A 148 20.60 7.01 -26.85
CA LEU A 148 21.14 7.72 -25.70
C LEU A 148 22.58 7.36 -25.40
N ALA A 149 23.04 6.21 -25.87
CA ALA A 149 24.41 5.80 -25.54
C ALA A 149 25.46 6.82 -25.97
N PRO A 150 25.32 7.53 -27.10
CA PRO A 150 26.28 8.60 -27.41
C PRO A 150 26.23 9.75 -26.42
N VAL A 151 25.03 10.24 -26.09
CA VAL A 151 24.91 11.38 -25.20
C VAL A 151 25.39 11.02 -23.80
N ALA A 152 24.93 9.88 -23.27
CA ALA A 152 25.47 9.39 -22.01
C ALA A 152 27.00 9.43 -22.03
N ALA A 153 27.60 8.99 -23.14
CA ALA A 153 29.05 8.89 -23.21
C ALA A 153 29.72 10.26 -23.17
N GLU A 154 29.19 11.26 -23.89
CA GLU A 154 29.90 12.52 -24.01
C GLU A 154 29.47 13.56 -22.98
N LYS A 155 28.25 13.49 -22.46
CA LYS A 155 27.79 14.45 -21.45
C LYS A 155 27.60 13.87 -20.06
N GLY A 156 27.34 12.57 -19.92
CA GLY A 156 27.26 11.94 -18.63
C GLY A 156 25.86 11.77 -18.04
N VAL A 157 24.81 12.00 -18.82
CA VAL A 157 23.46 11.74 -18.35
C VAL A 157 23.32 10.26 -17.97
N ILE A 158 22.49 9.99 -16.96
CA ILE A 158 22.35 8.65 -16.39
C ILE A 158 20.91 8.17 -16.57
N LEU A 159 20.78 6.91 -16.97
CA LEU A 159 19.50 6.31 -17.30
C LEU A 159 18.81 5.70 -16.09
N GLU A 160 17.51 6.00 -15.93
CA GLU A 160 16.63 5.30 -14.99
C GLU A 160 15.52 4.67 -15.81
N LEU A 161 15.44 3.35 -15.77
CA LEU A 161 14.47 2.62 -16.57
C LEU A 161 13.24 2.38 -15.70
N ASN A 162 12.09 2.84 -16.17
CA ASN A 162 10.87 2.80 -15.37
C ASN A 162 10.14 1.51 -15.70
N LEU A 163 10.24 0.53 -14.81
CA LEU A 163 9.55 -0.75 -14.94
C LEU A 163 8.19 -0.74 -14.27
N SER A 164 7.64 0.44 -14.02
CA SER A 164 6.47 0.63 -13.17
C SER A 164 5.69 1.90 -13.51
N GLN A 173 2.09 -4.09 -15.10
CA GLN A 173 3.42 -3.55 -14.79
C GLN A 173 4.49 -4.61 -15.06
N VAL A 174 5.58 -4.17 -15.71
CA VAL A 174 6.60 -5.13 -16.11
C VAL A 174 7.25 -5.77 -14.88
N ALA A 175 7.37 -5.00 -13.80
CA ALA A 175 8.09 -5.47 -12.61
C ALA A 175 7.23 -6.36 -11.74
N TYR A 176 5.92 -6.39 -11.96
CA TYR A 176 5.03 -7.32 -11.28
C TYR A 176 4.92 -8.65 -12.05
N ASP A 177 5.71 -8.82 -13.10
CA ASP A 177 5.76 -10.07 -13.87
C ASP A 177 7.24 -10.36 -14.15
N PHE A 178 7.80 -11.34 -13.44
CA PHE A 178 9.26 -11.42 -13.34
C PHE A 178 9.92 -11.93 -14.62
N ASP A 179 9.22 -12.73 -15.41
CA ASP A 179 9.82 -13.17 -16.67
C ASP A 179 9.93 -12.03 -17.66
N ALA A 180 8.96 -11.11 -17.64
CA ALA A 180 9.07 -9.91 -18.47
C ALA A 180 10.20 -9.01 -17.98
N MET A 181 10.34 -8.88 -16.66
CA MET A 181 11.42 -8.09 -16.09
C MET A 181 12.78 -8.61 -16.55
N ARG A 182 13.03 -9.90 -16.33
CA ARG A 182 14.28 -10.50 -16.78
C ARG A 182 14.52 -10.21 -18.26
N ARG A 183 13.45 -10.11 -19.05
CA ARG A 183 13.59 -9.95 -20.49
C ARG A 183 13.97 -8.52 -20.85
N TYR A 184 13.27 -7.53 -20.28
CA TYR A 184 13.68 -6.14 -20.50
C TYR A 184 15.14 -5.93 -20.11
N LEU A 185 15.53 -6.43 -18.94
CA LEU A 185 16.87 -6.12 -18.44
C LEU A 185 17.94 -6.74 -19.35
N ALA A 186 17.67 -7.93 -19.88
CA ALA A 186 18.62 -8.52 -20.83
C ALA A 186 18.64 -7.72 -22.12
N ALA A 187 17.47 -7.29 -22.60
CA ALA A 187 17.42 -6.49 -23.82
C ALA A 187 18.19 -5.19 -23.64
N ILE A 188 17.96 -4.50 -22.53
CA ILE A 188 18.63 -3.22 -22.29
C ILE A 188 20.13 -3.42 -22.12
N SER A 189 20.52 -4.44 -21.34
CA SER A 189 21.95 -4.68 -21.11
C SER A 189 22.69 -4.97 -22.42
N GLU A 190 21.97 -5.49 -23.42
CA GLU A 190 22.61 -5.83 -24.69
C GLU A 190 22.65 -4.66 -25.65
N ALA A 191 21.73 -3.72 -25.51
CA ALA A 191 21.63 -2.56 -26.39
C ALA A 191 22.29 -1.33 -25.80
N TYR A 192 22.65 -1.35 -24.53
CA TYR A 192 23.13 -0.16 -23.81
C TYR A 192 24.46 -0.49 -23.15
N PRO A 193 25.56 0.12 -23.58
CA PRO A 193 26.86 -0.22 -22.98
C PRO A 193 27.01 0.32 -21.58
N HIS A 194 26.27 1.34 -21.24
CA HIS A 194 26.50 2.08 -20.00
C HIS A 194 25.69 1.49 -18.86
N PRO A 195 26.11 1.72 -17.63
CA PRO A 195 25.26 1.32 -16.49
C PRO A 195 24.00 2.18 -16.46
N PHE A 196 23.00 1.64 -15.76
CA PHE A 196 21.69 2.29 -15.66
C PHE A 196 21.04 1.85 -14.36
N GLY A 197 19.86 2.41 -14.09
CA GLY A 197 19.10 2.06 -12.91
C GLY A 197 17.67 1.73 -13.29
N VAL A 198 16.94 1.20 -12.31
CA VAL A 198 15.55 0.79 -12.50
C VAL A 198 14.69 1.42 -11.42
N LYS A 199 13.53 1.95 -11.82
CA LYS A 199 12.49 2.43 -10.89
C LYS A 199 11.50 1.29 -10.63
N MET A 200 11.37 0.90 -9.38
CA MET A 200 10.60 -0.28 -9.06
C MET A 200 9.23 0.07 -8.47
N PRO A 201 8.22 -0.75 -8.73
CA PRO A 201 6.95 -0.63 -7.98
C PRO A 201 7.14 -1.19 -6.58
N PRO A 202 6.24 -0.87 -5.66
CA PRO A 202 6.32 -1.46 -4.32
C PRO A 202 5.90 -2.91 -4.32
N TYR A 203 6.60 -3.71 -3.51
CA TYR A 203 6.25 -5.09 -3.25
C TYR A 203 5.81 -5.19 -1.78
N PHE A 204 5.05 -6.24 -1.48
CA PHE A 204 4.43 -6.35 -0.17
C PHE A 204 4.64 -7.70 0.50
N ASP A 205 5.57 -8.51 0.01
CA ASP A 205 5.92 -9.73 0.72
C ASP A 205 7.34 -10.16 0.35
N PHE A 206 7.96 -10.91 1.27
CA PHE A 206 9.36 -11.27 1.12
C PHE A 206 9.59 -12.18 -0.08
N ALA A 207 8.60 -12.97 -0.47
CA ALA A 207 8.79 -13.80 -1.65
C ALA A 207 8.99 -12.95 -2.88
N HIS A 208 8.31 -11.80 -2.95
CA HIS A 208 8.51 -10.92 -4.11
C HIS A 208 9.82 -10.16 -4.00
N PHE A 209 10.15 -9.66 -2.80
CA PHE A 209 11.47 -9.06 -2.59
C PHE A 209 12.58 -10.01 -3.06
N ASP A 210 12.54 -11.26 -2.58
CA ASP A 210 13.56 -12.26 -2.97
C ASP A 210 13.59 -12.47 -4.48
N ALA A 211 12.43 -12.64 -5.09
CA ALA A 211 12.40 -12.95 -6.52
C ALA A 211 12.87 -11.75 -7.35
N ALA A 212 12.49 -10.53 -6.97
CA ALA A 212 12.95 -9.36 -7.70
C ALA A 212 14.46 -9.20 -7.56
N ALA A 213 14.97 -9.40 -6.34
CA ALA A 213 16.40 -9.19 -6.09
C ALA A 213 17.23 -10.23 -6.80
N GLU A 214 16.77 -11.49 -6.81
CA GLU A 214 17.54 -12.54 -7.49
C GLU A 214 17.72 -12.23 -8.97
N ILE A 215 16.70 -11.65 -9.60
CA ILE A 215 16.80 -11.26 -11.00
C ILE A 215 17.74 -10.07 -11.18
N LEU A 216 17.55 -9.01 -10.37
CA LEU A 216 18.37 -7.81 -10.54
C LEU A 216 19.85 -8.08 -10.31
N ASN A 217 20.16 -8.96 -9.36
CA ASN A 217 21.55 -9.31 -9.07
C ASN A 217 22.23 -10.07 -10.19
N GLN A 218 21.50 -10.48 -11.22
CA GLN A 218 22.10 -11.16 -12.36
C GLN A 218 22.48 -10.18 -13.46
N PHE A 219 22.19 -8.89 -13.29
CA PHE A 219 22.50 -7.88 -14.30
C PHE A 219 23.43 -6.83 -13.73
N PRO A 220 24.74 -6.96 -13.95
CA PRO A 220 25.68 -6.01 -13.31
C PRO A 220 25.59 -4.58 -13.84
N LYS A 221 25.01 -4.36 -15.02
CA LYS A 221 24.85 -2.98 -15.49
C LYS A 221 23.80 -2.21 -14.72
N VAL A 222 22.90 -2.89 -14.00
CA VAL A 222 21.94 -2.22 -13.11
C VAL A 222 22.70 -1.83 -11.84
N GLN A 223 23.10 -0.56 -11.75
CA GLN A 223 23.91 -0.13 -10.61
C GLN A 223 23.09 0.55 -9.53
N PHE A 224 21.83 0.91 -9.82
CA PHE A 224 21.00 1.45 -8.75
C PHE A 224 19.57 1.01 -8.96
N ILE A 225 18.85 0.93 -7.85
CA ILE A 225 17.43 0.59 -7.82
C ILE A 225 16.71 1.69 -7.07
N THR A 226 15.66 2.24 -7.67
CA THR A 226 14.88 3.30 -7.04
C THR A 226 13.58 2.72 -6.49
N CYS A 227 13.40 2.77 -5.17
CA CYS A 227 12.20 2.31 -4.48
C CYS A 227 11.58 3.51 -3.77
N ILE A 228 10.34 3.87 -4.12
CA ILE A 228 9.36 3.24 -4.96
C ILE A 228 8.61 4.20 -5.87
N ASN A 229 8.01 3.66 -6.93
CA ASN A 229 6.93 4.31 -7.64
C ASN A 229 5.69 4.35 -6.73
N SER A 230 4.63 4.97 -7.24
CA SER A 230 3.37 5.09 -6.50
C SER A 230 2.81 3.73 -6.10
N ILE A 231 2.03 3.71 -5.01
CA ILE A 231 1.22 2.53 -4.72
C ILE A 231 0.03 2.56 -5.67
N GLY A 232 -0.10 1.53 -6.49
CA GLY A 232 -0.99 1.61 -7.63
C GLY A 232 -2.46 1.39 -7.32
N ASN A 233 -3.31 2.02 -8.13
CA ASN A 233 -4.74 1.75 -8.18
C ASN A 233 -5.40 1.85 -6.79
N GLY A 234 -5.09 2.94 -6.10
CA GLY A 234 -5.91 3.44 -5.03
C GLY A 234 -7.14 4.18 -5.60
N LEU A 235 -8.10 4.46 -4.72
CA LEU A 235 -9.36 5.10 -5.13
C LEU A 235 -9.71 6.18 -4.13
N VAL A 236 -9.91 7.40 -4.61
CA VAL A 236 -10.30 8.51 -3.76
C VAL A 236 -11.66 9.01 -4.24
N ILE A 237 -12.54 9.28 -3.26
CA ILE A 237 -13.91 9.73 -3.53
C ILE A 237 -14.18 10.98 -2.69
N ASP A 238 -14.87 11.94 -3.29
CA ASP A 238 -15.18 13.19 -2.61
C ASP A 238 -16.53 13.05 -1.92
N VAL A 239 -16.58 13.41 -0.65
CA VAL A 239 -17.82 13.23 0.12
C VAL A 239 -18.93 14.11 -0.44
N GLU A 240 -18.64 15.38 -0.70
CA GLU A 240 -19.68 16.31 -1.18
C GLU A 240 -20.26 15.87 -2.51
N THR A 241 -19.42 15.62 -3.51
CA THR A 241 -19.91 15.28 -4.84
C THR A 241 -20.24 13.79 -5.00
N GLU A 242 -19.83 12.94 -4.06
CA GLU A 242 -20.03 11.50 -4.14
C GLU A 242 -19.37 10.90 -5.38
N SER A 243 -18.33 11.53 -5.90
CA SER A 243 -17.68 11.06 -7.11
C SER A 243 -16.16 10.97 -6.93
N VAL A 244 -15.56 10.14 -7.78
CA VAL A 244 -14.10 10.02 -7.83
C VAL A 244 -13.48 11.35 -8.27
N VAL A 245 -12.22 11.54 -7.89
CA VAL A 245 -11.58 12.85 -8.05
C VAL A 245 -10.68 12.93 -9.28
N ILE A 246 -10.44 11.84 -9.98
CA ILE A 246 -9.72 11.85 -11.25
C ILE A 246 -10.55 11.07 -12.24
N LYS A 247 -10.45 11.46 -13.52
CA LYS A 247 -11.36 10.93 -14.53
C LYS A 247 -10.94 9.57 -15.06
N PRO A 248 -9.68 9.37 -15.43
CA PRO A 248 -9.29 8.10 -16.07
C PRO A 248 -9.56 6.89 -15.17
N LYS A 249 -9.82 5.76 -15.82
CA LYS A 249 -9.80 4.46 -15.16
C LYS A 249 -10.73 4.40 -13.96
N GLN A 250 -11.88 5.05 -14.08
CA GLN A 250 -12.93 5.02 -13.07
C GLN A 250 -12.43 5.52 -11.72
N GLY A 251 -11.46 6.43 -11.73
CA GLY A 251 -10.96 7.04 -10.52
C GLY A 251 -9.75 6.36 -9.90
N PHE A 252 -9.37 5.17 -10.37
CA PHE A 252 -8.24 4.45 -9.80
C PHE A 252 -6.93 5.06 -10.27
N GLY A 253 -6.02 5.34 -9.33
CA GLY A 253 -4.74 5.93 -9.66
C GLY A 253 -3.68 5.62 -8.63
N GLY A 254 -2.47 6.10 -8.92
CA GLY A 254 -1.34 5.86 -8.05
C GLY A 254 -1.28 6.87 -6.92
N LEU A 255 -0.98 6.36 -5.72
CA LEU A 255 -0.87 7.15 -4.51
C LEU A 255 0.57 7.57 -4.25
N GLY A 256 0.74 8.79 -3.78
CA GLY A 256 2.01 9.24 -3.24
C GLY A 256 1.79 10.00 -1.95
N GLY A 257 2.90 10.38 -1.32
CA GLY A 257 2.83 11.18 -0.14
C GLY A 257 2.90 10.40 1.16
N ARG A 258 2.31 10.99 2.21
CA ARG A 258 2.42 10.38 3.53
CA ARG A 258 2.38 10.40 3.54
C ARG A 258 1.83 8.99 3.55
N TYR A 259 0.93 8.66 2.62
CA TYR A 259 0.34 7.32 2.58
C TYR A 259 1.39 6.24 2.40
N VAL A 260 2.41 6.51 1.59
CA VAL A 260 3.27 5.43 1.05
C VAL A 260 4.57 5.30 1.82
N PHE A 261 4.78 6.11 2.84
CA PHE A 261 6.09 6.20 3.47
C PHE A 261 6.52 4.89 4.11
N PRO A 262 5.71 4.21 4.93
CA PRO A 262 6.18 2.95 5.51
C PRO A 262 6.43 1.90 4.46
N THR A 263 5.65 1.88 3.38
CA THR A 263 5.89 0.95 2.30
C THR A 263 7.20 1.27 1.59
N ALA A 264 7.49 2.56 1.39
CA ALA A 264 8.72 2.97 0.71
C ALA A 264 9.95 2.59 1.53
N LEU A 265 9.93 2.86 2.83
CA LEU A 265 11.04 2.46 3.68
C LEU A 265 11.26 0.96 3.63
N ALA A 266 10.16 0.19 3.64
CA ALA A 266 10.30 -1.26 3.62
C ALA A 266 10.96 -1.73 2.33
N ASN A 267 10.55 -1.18 1.21
CA ASN A 267 11.13 -1.57 -0.06
C ASN A 267 12.59 -1.12 -0.15
N VAL A 268 12.89 0.10 0.25
CA VAL A 268 14.29 0.56 0.29
C VAL A 268 15.14 -0.41 1.09
N ASN A 269 14.68 -0.76 2.30
CA ASN A 269 15.53 -1.61 3.14
C ASN A 269 15.57 -3.04 2.64
N ALA A 270 14.48 -3.52 2.06
CA ALA A 270 14.47 -4.90 1.57
C ALA A 270 15.47 -5.08 0.43
N PHE A 271 15.54 -4.11 -0.48
CA PHE A 271 16.48 -4.24 -1.58
C PHE A 271 17.89 -3.86 -1.15
N TYR A 272 18.02 -2.97 -0.19
CA TYR A 272 19.36 -2.69 0.37
C TYR A 272 19.98 -3.95 0.94
N ARG A 273 19.20 -4.71 1.73
CA ARG A 273 19.69 -5.96 2.29
C ARG A 273 20.03 -6.98 1.19
N ARG A 274 19.18 -7.10 0.18
CA ARG A 274 19.32 -8.19 -0.80
C ARG A 274 20.20 -7.84 -2.00
N CYS A 275 20.53 -6.57 -2.21
CA CYS A 275 21.32 -6.15 -3.36
C CYS A 275 22.49 -5.31 -2.86
N PRO A 276 23.34 -5.87 -1.98
CA PRO A 276 24.44 -5.07 -1.41
C PRO A 276 25.44 -4.57 -2.43
N GLY A 277 25.42 -5.12 -3.65
CA GLY A 277 26.29 -4.68 -4.71
C GLY A 277 25.78 -3.53 -5.52
N LYS A 278 24.58 -3.04 -5.22
CA LYS A 278 23.97 -1.95 -5.96
C LYS A 278 23.64 -0.81 -5.02
N LEU A 279 23.40 0.35 -5.62
CA LEU A 279 22.89 1.49 -4.86
C LEU A 279 21.35 1.41 -4.81
N ILE A 280 20.78 1.91 -3.71
CA ILE A 280 19.33 2.10 -3.59
C ILE A 280 19.05 3.61 -3.55
N PHE A 281 18.09 4.05 -4.35
CA PHE A 281 17.57 5.42 -4.27
C PHE A 281 16.19 5.32 -3.60
N GLY A 282 15.98 6.07 -2.53
CA GLY A 282 14.69 6.09 -1.85
C GLY A 282 13.77 7.12 -2.49
N CYS A 283 12.50 6.74 -2.63
CA CYS A 283 11.44 7.60 -3.13
C CYS A 283 10.14 7.22 -2.45
N GLY A 284 9.46 8.19 -1.86
CA GLY A 284 8.16 7.95 -1.26
C GLY A 284 7.99 8.58 0.08
N GLY A 285 7.06 9.52 0.16
CA GLY A 285 6.67 10.07 1.45
C GLY A 285 7.60 11.03 2.12
N VAL A 286 8.55 11.61 1.40
CA VAL A 286 9.49 12.52 2.02
C VAL A 286 8.87 13.92 2.05
N TYR A 287 8.74 14.47 3.25
CA TYR A 287 8.34 15.85 3.51
C TYR A 287 9.34 16.63 4.34
N THR A 288 10.12 15.97 5.19
CA THR A 288 11.03 16.63 6.10
C THR A 288 12.42 16.00 6.00
N GLY A 289 13.39 16.67 6.62
CA GLY A 289 14.72 16.10 6.73
C GLY A 289 14.80 14.89 7.61
N GLU A 290 13.85 14.75 8.55
CA GLU A 290 13.78 13.54 9.35
C GLU A 290 13.30 12.38 8.49
N ASP A 291 12.35 12.64 7.58
CA ASP A 291 11.92 11.59 6.66
C ASP A 291 13.08 11.10 5.78
N ALA A 292 13.91 12.04 5.32
CA ALA A 292 15.08 11.70 4.52
C ALA A 292 16.08 10.90 5.32
N PHE A 293 16.32 11.31 6.58
CA PHE A 293 17.21 10.59 7.47
C PHE A 293 16.79 9.15 7.58
N LEU A 294 15.48 8.89 7.65
CA LEU A 294 15.01 7.50 7.79
C LEU A 294 15.23 6.73 6.50
N HIS A 295 15.03 7.37 5.35
CA HIS A 295 15.30 6.69 4.09
C HIS A 295 16.76 6.28 4.02
N VAL A 296 17.67 7.17 4.43
CA VAL A 296 19.09 6.86 4.40
C VAL A 296 19.43 5.75 5.40
N LEU A 297 18.89 5.86 6.61
CA LEU A 297 19.04 4.81 7.59
C LEU A 297 18.60 3.46 7.03
N ALA A 298 17.61 3.47 6.14
CA ALA A 298 17.11 2.22 5.57
C ALA A 298 17.98 1.74 4.43
N GLY A 299 18.84 2.62 3.87
CA GLY A 299 19.81 2.21 2.86
C GLY A 299 19.89 3.14 1.67
N ALA A 300 19.12 4.22 1.65
CA ALA A 300 19.10 5.08 0.49
C ALA A 300 20.41 5.85 0.31
N SER A 301 20.89 5.90 -0.94
CA SER A 301 21.99 6.76 -1.33
C SER A 301 21.48 8.13 -1.76
N MET A 302 20.55 8.18 -2.70
CA MET A 302 19.83 9.39 -3.08
C MET A 302 18.41 9.31 -2.53
N VAL A 303 17.79 10.48 -2.32
CA VAL A 303 16.42 10.59 -1.81
C VAL A 303 15.63 11.49 -2.75
N GLN A 304 14.61 10.91 -3.39
CA GLN A 304 13.75 11.61 -4.32
C GLN A 304 12.49 12.15 -3.64
N VAL A 305 12.02 13.29 -4.13
CA VAL A 305 10.91 14.02 -3.51
C VAL A 305 9.87 14.28 -4.58
N GLY A 306 8.67 13.71 -4.40
CA GLY A 306 7.62 13.85 -5.37
C GLY A 306 6.50 14.75 -4.90
N THR A 307 5.52 14.16 -4.22
CA THR A 307 4.32 14.90 -3.82
C THR A 307 4.66 16.20 -3.10
N ALA A 308 5.59 16.16 -2.16
CA ALA A 308 5.85 17.38 -1.39
C ALA A 308 6.45 18.48 -2.26
N LEU A 309 7.23 18.11 -3.29
CA LEU A 309 7.79 19.11 -4.21
C LEU A 309 6.72 19.70 -5.09
N HIS A 310 5.79 18.87 -5.56
CA HIS A 310 4.63 19.35 -6.31
C HIS A 310 3.86 20.42 -5.54
N GLU A 311 3.88 20.35 -4.23
CA GLU A 311 3.08 21.23 -3.40
C GLU A 311 3.86 22.44 -2.95
N GLU A 312 5.17 22.32 -2.81
CA GLU A 312 5.99 23.35 -2.19
C GLU A 312 6.96 24.04 -3.14
N GLY A 313 7.23 23.45 -4.31
CA GLY A 313 8.21 24.00 -5.23
C GLY A 313 9.67 23.77 -4.80
N ALA A 314 10.56 24.09 -5.73
CA ALA A 314 11.99 23.79 -5.59
C ALA A 314 12.65 24.43 -4.38
N ALA A 315 11.99 25.39 -3.72
CA ALA A 315 12.55 25.91 -2.48
C ALA A 315 12.57 24.85 -1.37
N ILE A 316 11.81 23.77 -1.54
CA ILE A 316 11.78 22.70 -0.54
C ILE A 316 13.19 22.16 -0.28
N PHE A 317 14.04 22.12 -1.31
CA PHE A 317 15.36 21.52 -1.14
C PHE A 317 16.24 22.34 -0.20
N GLU A 318 16.08 23.67 -0.19
CA GLU A 318 16.77 24.47 0.82
C GLU A 318 16.33 24.06 2.24
N ARG A 319 15.06 23.75 2.42
CA ARG A 319 14.61 23.35 3.74
C ARG A 319 15.05 21.92 4.07
N LEU A 320 14.98 21.01 3.09
CA LEU A 320 15.32 19.62 3.35
C LEU A 320 16.78 19.45 3.74
N THR A 321 17.69 20.13 3.02
CA THR A 321 19.11 20.02 3.35
C THR A 321 19.37 20.53 4.75
N ALA A 322 18.70 21.62 5.12
CA ALA A 322 18.88 22.20 6.45
C ALA A 322 18.35 21.28 7.54
N GLU A 323 17.14 20.74 7.35
CA GLU A 323 16.58 19.87 8.38
C GLU A 323 17.39 18.58 8.52
N LEU A 324 17.92 18.06 7.40
CA LEU A 324 18.72 16.84 7.47
C LEU A 324 20.02 17.09 8.22
N LEU A 325 20.71 18.18 7.88
CA LEU A 325 21.91 18.53 8.62
C LEU A 325 21.60 18.75 10.10
N ASP A 326 20.41 19.30 10.39
CA ASP A 326 19.97 19.43 11.79
C ASP A 326 19.96 18.10 12.51
N VAL A 327 19.35 17.09 11.88
CA VAL A 327 19.27 15.77 12.50
C VAL A 327 20.66 15.22 12.74
N MET A 328 21.53 15.26 11.72
CA MET A 328 22.89 14.75 11.90
C MET A 328 23.65 15.55 12.95
N ALA A 329 23.48 16.87 12.96
CA ALA A 329 24.12 17.69 13.99
C ALA A 329 23.68 17.25 15.38
N LYS A 330 22.38 17.03 15.57
CA LYS A 330 21.91 16.55 16.86
C LYS A 330 22.54 15.21 17.22
N LYS A 331 22.86 14.37 16.23
CA LYS A 331 23.37 13.05 16.54
C LYS A 331 24.89 12.95 16.44
N GLY A 332 25.56 13.98 15.98
CA GLY A 332 27.00 13.93 15.85
C GLY A 332 27.50 13.26 14.59
N TYR A 333 26.62 13.00 13.64
CA TYR A 333 27.02 12.39 12.38
C TYR A 333 27.66 13.44 11.50
N LYS A 334 28.79 13.09 10.87
CA LYS A 334 29.48 14.02 9.98
C LYS A 334 29.23 13.72 8.51
N ALA A 335 28.93 12.47 8.14
CA ALA A 335 28.67 12.13 6.75
C ALA A 335 27.55 11.08 6.66
N LEU A 336 26.89 11.05 5.51
CA LEU A 336 25.82 10.08 5.28
C LEU A 336 26.34 8.65 5.36
N ASP A 337 27.57 8.40 4.90
CA ASP A 337 28.16 7.07 4.95
C ASP A 337 28.20 6.53 6.36
N GLU A 338 28.13 7.41 7.37
CA GLU A 338 28.24 6.92 8.74
C GLU A 338 27.02 6.14 9.18
N PHE A 339 25.87 6.34 8.55
CA PHE A 339 24.65 5.67 9.01
C PHE A 339 23.75 5.15 7.91
N ARG A 340 24.14 5.27 6.64
CA ARG A 340 23.34 4.69 5.57
C ARG A 340 23.22 3.19 5.77
N GLY A 341 21.98 2.69 5.81
CA GLY A 341 21.70 1.27 5.97
C GLY A 341 21.89 0.73 7.36
N LYS A 342 22.18 1.58 8.34
CA LYS A 342 22.46 1.14 9.70
C LYS A 342 21.24 1.16 10.61
N VAL A 343 20.04 1.02 10.04
CA VAL A 343 18.87 0.81 10.89
C VAL A 343 19.15 -0.35 11.83
N LYS A 344 18.87 -0.15 13.11
CA LYS A 344 19.07 -1.20 14.10
C LYS A 344 17.82 -2.03 14.26
N ALA A 345 18.01 -3.31 14.55
CA ALA A 345 16.96 -4.10 15.17
C ALA A 345 16.89 -3.73 16.66
N MET A 346 15.79 -4.13 17.30
CA MET A 346 15.48 -3.65 18.65
C MET A 346 16.68 -3.68 19.61
N MET B 35 -34.57 8.42 9.40
CA MET B 35 -33.38 7.78 8.78
C MET B 35 -32.99 6.48 9.48
N SER B 36 -32.29 5.60 8.77
CA SER B 36 -31.96 4.30 9.33
C SER B 36 -30.60 3.84 8.83
N LEU B 37 -29.85 3.25 9.74
CA LEU B 37 -28.58 2.62 9.45
C LEU B 37 -28.71 1.13 9.36
N GLN B 38 -29.95 0.59 9.41
CA GLN B 38 -30.13 -0.85 9.37
C GLN B 38 -29.58 -1.44 8.07
N VAL B 39 -29.08 -2.67 8.20
CA VAL B 39 -28.59 -3.49 7.11
C VAL B 39 -29.33 -4.82 7.21
N GLY B 40 -29.97 -5.23 6.12
CA GLY B 40 -30.57 -6.54 6.02
C GLY B 40 -29.83 -7.42 5.05
N ILE B 41 -29.00 -8.33 5.59
CA ILE B 41 -28.16 -9.19 4.76
C ILE B 41 -28.02 -10.54 5.45
N LEU B 42 -27.72 -11.56 4.66
CA LEU B 42 -27.37 -12.88 5.20
C LEU B 42 -28.45 -13.43 6.11
N GLY B 43 -29.70 -13.09 5.84
CA GLY B 43 -30.78 -13.55 6.70
C GLY B 43 -30.82 -12.94 8.08
N ASN B 44 -30.10 -11.85 8.32
CA ASN B 44 -30.10 -11.15 9.58
C ASN B 44 -30.42 -9.67 9.39
N THR B 45 -30.84 -9.05 10.48
CA THR B 45 -31.00 -7.61 10.56
C THR B 45 -29.89 -7.07 11.45
N PHE B 46 -29.09 -6.17 10.93
CA PHE B 46 -28.06 -5.49 11.70
C PHE B 46 -28.54 -4.07 12.01
N ALA B 47 -28.34 -3.63 13.27
CA ALA B 47 -28.82 -2.29 13.64
C ALA B 47 -28.09 -1.21 12.87
N ASN B 48 -26.87 -1.48 12.47
CA ASN B 48 -26.02 -0.52 11.76
C ASN B 48 -24.86 -1.30 11.16
N PRO B 49 -24.10 -0.69 10.24
CA PRO B 49 -23.12 -1.47 9.48
C PRO B 49 -21.81 -1.71 10.21
N PHE B 50 -21.65 -1.17 11.41
CA PHE B 50 -20.33 -1.16 12.02
C PHE B 50 -20.06 -2.43 12.81
N MET B 51 -18.80 -2.85 12.76
CA MET B 51 -18.32 -3.96 13.59
C MET B 51 -16.83 -3.73 13.79
N ASN B 52 -16.22 -4.52 14.70
CA ASN B 52 -14.78 -4.51 14.80
C ASN B 52 -14.16 -5.26 13.62
N ALA B 53 -12.92 -4.91 13.34
CA ALA B 53 -12.11 -5.69 12.42
C ALA B 53 -11.54 -6.89 13.15
N ALA B 54 -11.43 -8.02 12.47
CA ALA B 54 -10.91 -9.21 13.13
C ALA B 54 -9.56 -8.90 13.72
N GLY B 55 -9.33 -9.39 14.94
CA GLY B 55 -8.09 -9.18 15.64
C GLY B 55 -8.05 -8.00 16.58
N VAL B 56 -8.96 -7.06 16.45
CA VAL B 56 -9.03 -5.89 17.32
C VAL B 56 -10.17 -6.08 18.32
N MET B 57 -9.84 -6.04 19.60
N MET B 57 -9.83 -6.04 19.61
CA MET B 57 -10.81 -6.10 20.70
CA MET B 57 -10.78 -6.10 20.71
C MET B 57 -11.72 -7.32 20.59
C MET B 57 -11.72 -7.30 20.61
N CYS B 58 -11.12 -8.50 20.44
CA CYS B 58 -11.97 -9.67 20.25
C CYS B 58 -11.28 -10.99 20.58
N SER B 59 -10.23 -11.00 21.40
CA SER B 59 -9.47 -12.21 21.69
C SER B 59 -9.91 -12.93 22.97
N THR B 60 -10.43 -12.17 23.96
CA THR B 60 -10.85 -12.71 25.24
C THR B 60 -12.36 -12.54 25.42
N GLU B 61 -12.89 -13.26 26.42
CA GLU B 61 -14.31 -13.13 26.73
C GLU B 61 -14.66 -11.70 27.14
N GLU B 62 -13.82 -11.06 27.94
CA GLU B 62 -14.08 -9.68 28.33
C GLU B 62 -14.19 -8.75 27.12
N GLU B 63 -13.30 -8.90 26.13
CA GLU B 63 -13.36 -8.03 24.95
C GLU B 63 -14.61 -8.33 24.11
N LEU B 64 -14.92 -9.60 23.91
CA LEU B 64 -16.12 -9.94 23.15
C LEU B 64 -17.38 -9.44 23.84
N ALA B 65 -17.43 -9.54 25.18
CA ALA B 65 -18.58 -9.03 25.91
C ALA B 65 -18.68 -7.52 25.78
N ALA B 66 -17.55 -6.83 25.80
CA ALA B 66 -17.52 -5.38 25.59
C ALA B 66 -18.00 -5.02 24.18
N MET B 67 -17.60 -5.79 23.17
CA MET B 67 -18.10 -5.54 21.81
C MET B 67 -19.62 -5.81 21.76
N THR B 68 -20.07 -6.86 22.44
CA THR B 68 -21.51 -7.16 22.39
C THR B 68 -22.32 -6.07 23.09
N GLU B 69 -21.79 -5.53 24.19
CA GLU B 69 -22.48 -4.47 24.94
C GLU B 69 -22.42 -3.13 24.25
N SER B 70 -21.49 -2.95 23.31
CA SER B 70 -21.38 -1.70 22.55
C SER B 70 -22.55 -1.54 21.60
N THR B 71 -22.61 -0.38 20.95
CA THR B 71 -23.62 -0.08 19.96
C THR B 71 -23.26 -0.57 18.54
N SER B 72 -22.18 -1.33 18.38
CA SER B 72 -21.86 -1.87 17.06
C SER B 72 -23.00 -2.75 16.54
N GLY B 73 -23.15 -2.78 15.23
CA GLY B 73 -24.11 -3.69 14.62
C GLY B 73 -23.75 -5.13 14.65
N SER B 74 -22.48 -5.44 14.74
CA SER B 74 -22.05 -6.81 14.86
C SER B 74 -20.64 -6.84 15.45
N LEU B 75 -20.06 -8.04 15.49
CA LEU B 75 -18.70 -8.23 15.98
C LEU B 75 -18.15 -9.51 15.39
N ILE B 76 -16.83 -9.64 15.39
CA ILE B 76 -16.15 -10.81 14.88
C ILE B 76 -15.02 -11.18 15.87
N THR B 77 -14.78 -12.48 15.98
CA THR B 77 -13.74 -12.99 16.85
C THR B 77 -12.35 -12.82 16.22
N LYS B 78 -11.33 -12.95 17.08
CA LYS B 78 -9.95 -13.03 16.63
C LYS B 78 -9.80 -14.23 15.71
N SER B 79 -8.99 -14.07 14.66
CA SER B 79 -8.70 -15.22 13.80
C SER B 79 -8.03 -16.31 14.62
N CYS B 80 -8.59 -17.51 14.60
CA CYS B 80 -8.10 -18.56 15.46
C CYS B 80 -7.47 -19.70 14.68
N THR B 81 -6.60 -20.43 15.37
CA THR B 81 -6.02 -21.66 14.89
C THR B 81 -6.55 -22.85 15.70
N PRO B 82 -6.30 -24.07 15.24
CA PRO B 82 -6.87 -25.23 15.97
C PRO B 82 -6.42 -25.28 17.43
N ALA B 83 -5.22 -24.80 17.74
CA ALA B 83 -4.77 -24.74 19.12
C ALA B 83 -4.35 -23.34 19.50
N LEU B 84 -4.33 -23.10 20.81
CA LEU B 84 -3.89 -21.82 21.35
C LEU B 84 -2.50 -21.46 20.83
N ARG B 85 -2.27 -20.16 20.62
CA ARG B 85 -0.96 -19.63 20.24
C ARG B 85 -0.68 -18.38 21.03
N GLU B 86 0.57 -18.20 21.42
CA GLU B 86 0.98 -16.99 22.12
C GLU B 86 1.43 -15.88 21.17
N GLY B 87 1.78 -16.22 19.93
CA GLY B 87 2.11 -15.22 18.93
C GLY B 87 3.57 -14.82 18.94
N ASN B 88 3.87 -13.75 18.20
CA ASN B 88 5.23 -13.24 18.06
C ASN B 88 5.65 -12.50 19.32
N PRO B 89 6.96 -12.37 19.56
CA PRO B 89 7.42 -11.63 20.75
C PRO B 89 7.18 -10.14 20.63
N ALA B 90 6.91 -9.51 21.77
CA ALA B 90 6.66 -8.09 21.85
C ALA B 90 7.96 -7.30 21.81
N PRO B 91 7.90 -5.99 21.46
CA PRO B 91 6.73 -5.23 20.98
C PRO B 91 6.31 -5.70 19.61
N ARG B 92 5.01 -5.92 19.40
CA ARG B 92 4.51 -6.38 18.12
C ARG B 92 3.35 -5.51 17.62
N TYR B 93 3.13 -4.35 18.23
CA TYR B 93 2.15 -3.38 17.76
C TYR B 93 2.70 -2.02 18.10
N TYR B 94 2.53 -1.06 17.20
CA TYR B 94 3.05 0.26 17.44
C TYR B 94 2.15 1.29 16.78
N THR B 95 1.81 2.34 17.52
CA THR B 95 0.98 3.40 16.98
C THR B 95 1.79 4.37 16.13
N LEU B 96 1.33 4.64 14.93
CA LEU B 96 1.98 5.56 14.01
C LEU B 96 1.22 6.88 13.93
N PRO B 97 1.85 7.93 13.42
CA PRO B 97 1.11 9.21 13.25
C PRO B 97 -0.24 8.99 12.56
N LEU B 98 -0.23 8.21 11.49
CA LEU B 98 -1.40 8.06 10.63
C LEU B 98 -2.00 6.65 10.68
N GLY B 99 -1.69 5.86 11.70
CA GLY B 99 -2.26 4.54 11.75
C GLY B 99 -1.51 3.59 12.68
N SER B 100 -1.19 2.40 12.18
CA SER B 100 -0.59 1.40 13.03
C SER B 100 0.25 0.45 12.17
N ILE B 101 1.18 -0.24 12.84
CA ILE B 101 1.91 -1.36 12.24
C ILE B 101 1.88 -2.49 13.26
N ASN B 102 1.71 -3.73 12.79
CA ASN B 102 1.66 -4.83 13.73
C ASN B 102 2.27 -6.08 13.11
N SER B 103 2.77 -6.95 13.95
CA SER B 103 3.19 -8.28 13.55
C SER B 103 2.81 -9.19 14.73
N MET B 104 1.50 -9.38 14.92
CA MET B 104 1.03 -10.16 16.06
C MET B 104 1.29 -11.66 15.88
N GLY B 105 1.19 -12.17 14.65
CA GLY B 105 1.38 -13.58 14.45
C GLY B 105 0.31 -14.45 15.09
N LEU B 106 -0.95 -14.04 14.98
CA LEU B 106 -2.10 -14.83 15.44
C LEU B 106 -2.03 -15.31 16.89
N PRO B 107 -1.77 -14.41 17.85
CA PRO B 107 -2.03 -14.79 19.25
C PRO B 107 -3.52 -15.03 19.41
N ASN B 108 -3.89 -16.23 19.85
CA ASN B 108 -5.32 -16.51 19.98
C ASN B 108 -5.52 -17.66 20.94
N LYS B 109 -6.71 -17.72 21.53
CA LYS B 109 -7.05 -18.70 22.55
C LYS B 109 -7.39 -20.06 21.97
N GLY B 110 -7.34 -20.21 20.65
CA GLY B 110 -7.62 -21.51 20.07
C GLY B 110 -9.07 -21.63 19.66
N PHE B 111 -9.28 -22.42 18.61
CA PHE B 111 -10.62 -22.61 18.06
C PHE B 111 -11.63 -23.05 19.11
N ASP B 112 -11.28 -24.01 19.98
CA ASP B 112 -12.27 -24.52 20.92
C ASP B 112 -12.85 -23.41 21.77
N PHE B 113 -12.03 -22.41 22.09
CA PHE B 113 -12.50 -21.27 22.89
C PHE B 113 -13.55 -20.46 22.15
N TYR B 114 -13.23 -20.06 20.91
CA TYR B 114 -14.17 -19.20 20.15
C TYR B 114 -15.43 -19.97 19.76
N LEU B 115 -15.32 -21.28 19.52
CA LEU B 115 -16.51 -22.08 19.22
C LEU B 115 -17.42 -22.13 20.41
N ALA B 116 -16.85 -22.36 21.60
CA ALA B 116 -17.62 -22.31 22.84
C ALA B 116 -18.28 -20.94 23.04
N TYR B 117 -17.52 -19.86 22.82
CA TYR B 117 -18.12 -18.53 22.93
C TYR B 117 -19.34 -18.41 22.00
N SER B 118 -19.17 -18.88 20.77
CA SER B 118 -20.26 -18.83 19.79
C SER B 118 -21.42 -19.73 20.20
N ALA B 119 -21.09 -20.92 20.71
CA ALA B 119 -22.14 -21.88 21.01
C ALA B 119 -22.88 -21.55 22.29
N ARG B 120 -22.22 -20.98 23.29
CA ARG B 120 -22.79 -20.96 24.64
C ARG B 120 -22.77 -19.60 25.34
N HIS B 121 -21.96 -18.64 24.89
CA HIS B 121 -21.82 -17.37 25.60
C HIS B 121 -22.41 -16.19 24.87
N HIS B 122 -22.42 -16.19 23.55
CA HIS B 122 -22.83 -14.98 22.84
C HIS B 122 -24.33 -14.77 22.92
N ASP B 123 -24.72 -13.51 23.12
CA ASP B 123 -26.12 -13.12 23.21
C ASP B 123 -26.57 -12.72 21.81
N TYR B 124 -27.18 -13.68 21.10
CA TYR B 124 -27.60 -13.42 19.72
C TYR B 124 -28.80 -12.47 19.65
N SER B 125 -29.50 -12.26 20.77
CA SER B 125 -30.56 -11.25 20.75
C SER B 125 -29.99 -9.83 20.71
N ARG B 126 -28.71 -9.66 21.04
CA ARG B 126 -28.07 -8.36 20.98
C ARG B 126 -27.65 -8.02 19.56
N LYS B 127 -26.97 -8.94 18.87
CA LYS B 127 -26.48 -8.71 17.51
C LYS B 127 -25.92 -10.02 16.96
N PRO B 128 -25.85 -10.15 15.64
CA PRO B 128 -25.21 -11.33 15.06
C PRO B 128 -23.71 -11.34 15.32
N LEU B 129 -23.14 -12.55 15.16
CA LEU B 129 -21.74 -12.80 15.43
C LEU B 129 -21.05 -13.42 14.23
N PHE B 130 -19.82 -12.97 13.95
CA PHE B 130 -18.96 -13.65 13.00
C PHE B 130 -17.80 -14.32 13.73
N ILE B 131 -17.35 -15.46 13.19
CA ILE B 131 -16.16 -16.14 13.70
C ILE B 131 -15.14 -16.19 12.58
N SER B 132 -13.92 -15.79 12.89
CA SER B 132 -12.83 -15.76 11.93
C SER B 132 -11.91 -16.94 12.21
N ILE B 133 -11.61 -17.73 11.18
CA ILE B 133 -10.71 -18.87 11.32
C ILE B 133 -9.52 -18.68 10.40
N SER B 134 -8.35 -19.10 10.84
CA SER B 134 -7.14 -18.87 10.07
C SER B 134 -6.16 -20.02 10.30
N GLY B 135 -6.60 -21.23 9.99
CA GLY B 135 -5.71 -22.37 10.04
C GLY B 135 -4.56 -22.26 9.06
N PHE B 136 -3.50 -23.02 9.33
CA PHE B 136 -2.26 -22.93 8.60
C PHE B 136 -2.23 -23.82 7.35
N SER B 137 -3.27 -24.60 7.11
CA SER B 137 -3.39 -25.35 5.88
C SER B 137 -4.88 -25.43 5.55
N ALA B 138 -5.18 -25.96 4.36
CA ALA B 138 -6.57 -26.13 3.98
C ALA B 138 -7.25 -27.20 4.83
N GLU B 139 -6.50 -28.23 5.24
CA GLU B 139 -7.10 -29.30 6.03
C GLU B 139 -7.40 -28.86 7.45
N GLU B 140 -6.50 -28.05 8.04
CA GLU B 140 -6.76 -27.47 9.35
C GLU B 140 -8.07 -26.67 9.34
N ASN B 141 -8.25 -25.85 8.30
CA ASN B 141 -9.47 -25.06 8.16
C ASN B 141 -10.69 -25.93 7.98
N ALA B 142 -10.58 -26.96 7.14
CA ALA B 142 -11.75 -27.81 6.91
C ALA B 142 -12.18 -28.54 8.17
N GLU B 143 -11.22 -28.98 8.98
CA GLU B 143 -11.58 -29.68 10.22
C GLU B 143 -12.29 -28.73 11.18
N MET B 144 -11.84 -27.48 11.23
CA MET B 144 -12.48 -26.48 12.08
C MET B 144 -13.90 -26.22 11.59
N CYS B 145 -14.07 -26.07 10.27
CA CYS B 145 -15.41 -25.86 9.72
C CYS B 145 -16.34 -27.02 10.00
N LYS B 146 -15.82 -28.26 9.92
CA LYS B 146 -16.67 -29.40 10.23
C LYS B 146 -17.25 -29.30 11.63
N ARG B 147 -16.45 -28.83 12.59
CA ARG B 147 -16.98 -28.71 13.95
C ARG B 147 -17.87 -27.48 14.12
N LEU B 148 -17.58 -26.41 13.36
CA LEU B 148 -18.39 -25.20 13.45
C LEU B 148 -19.77 -25.41 12.85
N ALA B 149 -19.86 -26.25 11.83
CA ALA B 149 -21.11 -26.40 11.09
C ALA B 149 -22.33 -26.54 11.96
N PRO B 150 -22.38 -27.46 12.92
CA PRO B 150 -23.61 -27.60 13.71
C PRO B 150 -23.89 -26.41 14.61
N VAL B 151 -22.86 -25.71 15.08
CA VAL B 151 -23.08 -24.52 15.88
C VAL B 151 -23.65 -23.41 15.01
N ALA B 152 -23.04 -23.20 13.83
CA ALA B 152 -23.60 -22.25 12.86
C ALA B 152 -25.06 -22.54 12.56
N ALA B 153 -25.41 -23.84 12.43
CA ALA B 153 -26.80 -24.18 12.12
C ALA B 153 -27.74 -23.85 13.26
N GLU B 154 -27.32 -24.15 14.48
CA GLU B 154 -28.19 -23.94 15.63
C GLU B 154 -28.22 -22.48 16.07
N LYS B 155 -27.08 -21.79 16.10
CA LYS B 155 -27.00 -20.46 16.73
C LYS B 155 -26.96 -19.32 15.72
N GLY B 156 -26.43 -19.55 14.53
CA GLY B 156 -26.42 -18.55 13.48
C GLY B 156 -25.10 -17.83 13.32
N VAL B 157 -24.08 -18.21 14.08
CA VAL B 157 -22.77 -17.62 13.88
C VAL B 157 -22.35 -17.82 12.43
N ILE B 158 -21.61 -16.86 11.91
CA ILE B 158 -21.28 -16.75 10.50
C ILE B 158 -19.77 -16.79 10.33
N LEU B 159 -19.30 -17.63 9.41
CA LEU B 159 -17.86 -17.85 9.22
C LEU B 159 -17.24 -16.81 8.30
N GLU B 160 -16.07 -16.30 8.69
CA GLU B 160 -15.24 -15.49 7.81
C GLU B 160 -13.89 -16.22 7.76
N LEU B 161 -13.51 -16.69 6.56
CA LEU B 161 -12.22 -17.38 6.38
C LEU B 161 -11.14 -16.36 6.05
N ASN B 162 -10.06 -16.38 6.82
CA ASN B 162 -8.97 -15.42 6.65
C ASN B 162 -7.96 -16.02 5.67
N LEU B 163 -7.86 -15.43 4.48
CA LEU B 163 -6.95 -15.87 3.44
C LEU B 163 -5.79 -14.91 3.25
N SER B 164 -5.46 -14.13 4.27
CA SER B 164 -4.60 -12.97 4.10
C SER B 164 -3.76 -12.75 5.35
N CYS B 165 -3.31 -13.85 5.96
CA CYS B 165 -2.39 -13.91 7.10
C CYS B 165 -1.02 -13.34 6.75
N PRO B 166 -0.73 -12.08 7.08
CA PRO B 166 0.54 -11.44 6.66
C PRO B 166 1.68 -11.49 7.68
N ASN B 167 1.46 -12.06 8.85
CA ASN B 167 2.49 -12.11 9.89
C ASN B 167 2.65 -13.52 10.46
N GLN B 173 1.03 -15.56 2.01
CA GLN B 173 -0.39 -15.27 2.00
C GLN B 173 -1.14 -16.09 0.96
N VAL B 174 -2.23 -16.74 1.38
CA VAL B 174 -2.94 -17.66 0.50
C VAL B 174 -3.50 -16.91 -0.71
N ALA B 175 -4.19 -15.82 -0.46
CA ALA B 175 -4.87 -15.09 -1.53
C ALA B 175 -3.90 -14.42 -2.51
N TYR B 176 -2.61 -14.32 -2.18
CA TYR B 176 -1.62 -13.87 -3.15
C TYR B 176 -1.12 -15.03 -4.04
N ASP B 177 -1.76 -16.19 -3.94
CA ASP B 177 -1.42 -17.38 -4.72
C ASP B 177 -2.72 -18.04 -5.14
N PHE B 178 -3.13 -17.80 -6.40
CA PHE B 178 -4.53 -18.01 -6.76
C PHE B 178 -4.91 -19.47 -6.81
N ASP B 179 -3.99 -20.35 -7.16
CA ASP B 179 -4.39 -21.76 -7.22
C ASP B 179 -4.46 -22.36 -5.82
N ALA B 180 -3.66 -21.84 -4.89
CA ALA B 180 -3.87 -22.16 -3.48
C ALA B 180 -5.24 -21.65 -3.03
N MET B 181 -5.55 -20.39 -3.37
CA MET B 181 -6.84 -19.83 -3.00
C MET B 181 -7.97 -20.74 -3.47
N ARG B 182 -7.90 -21.19 -4.73
CA ARG B 182 -8.95 -22.07 -5.24
C ARG B 182 -8.96 -23.41 -4.51
N ARG B 183 -7.78 -23.92 -4.12
CA ARG B 183 -7.76 -25.17 -3.37
C ARG B 183 -8.46 -25.00 -2.04
N TYR B 184 -8.13 -23.93 -1.31
CA TYR B 184 -8.76 -23.68 -0.02
C TYR B 184 -10.27 -23.60 -0.15
N LEU B 185 -10.74 -22.78 -1.10
CA LEU B 185 -12.18 -22.55 -1.23
C LEU B 185 -12.91 -23.84 -1.53
N ALA B 186 -12.32 -24.69 -2.39
CA ALA B 186 -12.96 -25.99 -2.66
C ALA B 186 -12.97 -26.87 -1.43
N ALA B 187 -11.88 -26.83 -0.64
CA ALA B 187 -11.81 -27.64 0.58
C ALA B 187 -12.88 -27.21 1.59
N ILE B 188 -13.03 -25.90 1.81
CA ILE B 188 -14.04 -25.44 2.77
C ILE B 188 -15.43 -25.78 2.26
N SER B 189 -15.69 -25.49 0.97
CA SER B 189 -17.00 -25.77 0.41
C SER B 189 -17.36 -27.24 0.55
N GLU B 190 -16.38 -28.14 0.31
CA GLU B 190 -16.62 -29.56 0.55
C GLU B 190 -16.91 -29.82 2.02
N ALA B 191 -16.17 -29.15 2.92
CA ALA B 191 -16.28 -29.45 4.33
C ALA B 191 -17.43 -28.74 5.06
N TYR B 192 -17.92 -27.61 4.54
CA TYR B 192 -18.79 -26.72 5.31
C TYR B 192 -20.11 -26.45 4.61
N PRO B 193 -21.26 -26.79 5.20
CA PRO B 193 -22.52 -26.74 4.44
C PRO B 193 -23.14 -25.37 4.28
N HIS B 194 -22.68 -24.35 4.98
CA HIS B 194 -23.34 -23.05 5.00
C HIS B 194 -22.57 -22.02 4.18
N PRO B 195 -23.21 -20.90 3.85
CA PRO B 195 -22.47 -19.80 3.23
C PRO B 195 -21.45 -19.21 4.20
N PHE B 196 -20.39 -18.66 3.66
CA PHE B 196 -19.31 -18.11 4.45
C PHE B 196 -18.72 -16.97 3.66
N GLY B 197 -17.84 -16.20 4.31
CA GLY B 197 -17.17 -15.09 3.68
C GLY B 197 -15.67 -15.30 3.77
N VAL B 198 -14.95 -14.40 3.11
CA VAL B 198 -13.50 -14.48 3.00
C VAL B 198 -12.92 -13.10 3.26
N LYS B 199 -11.86 -13.06 4.05
CA LYS B 199 -11.09 -11.84 4.29
C LYS B 199 -9.87 -11.82 3.35
N MET B 200 -9.78 -10.77 2.52
CA MET B 200 -8.87 -10.66 1.42
C MET B 200 -7.77 -9.67 1.73
N PRO B 201 -6.54 -9.92 1.28
CA PRO B 201 -5.51 -8.91 1.34
C PRO B 201 -5.73 -7.88 0.25
N PRO B 202 -5.09 -6.73 0.31
CA PRO B 202 -5.24 -5.77 -0.78
C PRO B 202 -4.54 -6.23 -2.05
N TYR B 203 -5.18 -5.94 -3.17
CA TYR B 203 -4.58 -6.04 -4.49
C TYR B 203 -4.40 -4.65 -5.06
N PHE B 204 -3.46 -4.56 -6.05
CA PHE B 204 -3.01 -3.27 -6.57
C PHE B 204 -3.01 -3.19 -8.09
N ASP B 205 -3.64 -4.12 -8.78
CA ASP B 205 -3.83 -3.94 -10.22
C ASP B 205 -5.04 -4.73 -10.68
N PHE B 206 -5.59 -4.30 -11.82
CA PHE B 206 -6.86 -4.87 -12.27
C PHE B 206 -6.70 -6.33 -12.68
N ALA B 207 -5.51 -6.74 -13.12
CA ALA B 207 -5.33 -8.16 -13.47
C ALA B 207 -5.55 -9.04 -12.25
N HIS B 208 -5.09 -8.60 -11.07
CA HIS B 208 -5.35 -9.39 -9.86
C HIS B 208 -6.79 -9.27 -9.40
N PHE B 209 -7.38 -8.06 -9.46
CA PHE B 209 -8.81 -7.94 -9.18
C PHE B 209 -9.59 -8.94 -10.02
N ASP B 210 -9.32 -8.99 -11.32
CA ASP B 210 -10.05 -9.90 -12.20
C ASP B 210 -9.76 -11.36 -11.87
N ALA B 211 -8.50 -11.70 -11.62
CA ALA B 211 -8.15 -13.07 -11.28
C ALA B 211 -8.85 -13.54 -10.00
N ALA B 212 -8.77 -12.74 -8.92
CA ALA B 212 -9.43 -13.15 -7.67
C ALA B 212 -10.93 -13.22 -7.86
N ALA B 213 -11.51 -12.21 -8.55
CA ALA B 213 -12.94 -12.21 -8.75
C ALA B 213 -13.39 -13.45 -9.50
N GLU B 214 -12.65 -13.82 -10.54
CA GLU B 214 -13.05 -14.98 -11.35
C GLU B 214 -13.10 -16.25 -10.49
N ILE B 215 -12.14 -16.41 -9.57
CA ILE B 215 -12.17 -17.56 -8.68
C ILE B 215 -13.33 -17.47 -7.71
N LEU B 216 -13.48 -16.31 -7.07
CA LEU B 216 -14.53 -16.18 -6.05
C LEU B 216 -15.91 -16.42 -6.63
N ASN B 217 -16.19 -15.92 -7.85
CA ASN B 217 -17.53 -16.11 -8.42
C ASN B 217 -17.83 -17.56 -8.77
N GLN B 218 -16.82 -18.44 -8.77
CA GLN B 218 -17.05 -19.86 -9.02
C GLN B 218 -17.50 -20.63 -7.80
N PHE B 219 -17.56 -20.01 -6.63
CA PHE B 219 -17.91 -20.71 -5.39
C PHE B 219 -19.16 -20.10 -4.77
N PRO B 220 -20.32 -20.74 -4.94
CA PRO B 220 -21.57 -20.09 -4.52
C PRO B 220 -21.68 -19.88 -3.02
N LYS B 221 -20.93 -20.64 -2.22
CA LYS B 221 -21.06 -20.49 -0.77
C LYS B 221 -20.36 -19.24 -0.25
N VAL B 222 -19.46 -18.67 -1.03
CA VAL B 222 -18.79 -17.45 -0.64
C VAL B 222 -19.81 -16.35 -0.83
N GLN B 223 -20.39 -15.87 0.28
CA GLN B 223 -21.46 -14.86 0.18
C GLN B 223 -20.97 -13.44 0.49
N PHE B 224 -19.79 -13.29 1.09
CA PHE B 224 -19.28 -11.94 1.31
C PHE B 224 -17.77 -11.96 1.24
N ILE B 225 -17.22 -10.82 0.89
CA ILE B 225 -15.80 -10.60 0.70
C ILE B 225 -15.44 -9.39 1.54
N THR B 226 -14.48 -9.55 2.46
CA THR B 226 -14.02 -8.42 3.28
C THR B 226 -12.73 -7.86 2.72
N CYS B 227 -12.77 -6.60 2.33
CA CYS B 227 -11.64 -5.85 1.77
C CYS B 227 -11.38 -4.65 2.67
N ILE B 228 -10.22 -4.60 3.32
CA ILE B 228 -9.02 -5.38 3.20
C ILE B 228 -8.38 -5.69 4.55
N ASN B 229 -7.57 -6.72 4.56
CA ASN B 229 -6.55 -6.90 5.58
C ASN B 229 -5.47 -5.82 5.44
N SER B 230 -4.56 -5.82 6.40
CA SER B 230 -3.43 -4.91 6.40
C SER B 230 -2.68 -4.88 5.07
N ILE B 231 -2.07 -3.73 4.78
CA ILE B 231 -1.08 -3.66 3.70
C ILE B 231 0.22 -4.27 4.24
N GLY B 232 0.67 -5.33 3.62
CA GLY B 232 1.69 -6.14 4.23
C GLY B 232 3.08 -5.53 4.18
N ASN B 233 3.87 -5.86 5.20
CA ASN B 233 5.32 -5.68 5.18
C ASN B 233 5.73 -4.25 4.87
N GLY B 234 5.09 -3.31 5.57
CA GLY B 234 5.65 -1.97 5.72
C GLY B 234 6.76 -1.99 6.76
N LEU B 235 7.46 -0.85 6.86
CA LEU B 235 8.55 -0.74 7.82
C LEU B 235 8.54 0.64 8.43
N VAL B 236 8.73 0.69 9.74
CA VAL B 236 8.79 1.93 10.49
C VAL B 236 10.06 1.95 11.32
N ILE B 237 10.73 3.10 11.31
CA ILE B 237 11.99 3.32 12.03
C ILE B 237 11.84 4.55 12.90
N ASP B 238 12.30 4.45 14.14
CA ASP B 238 12.29 5.58 15.06
C ASP B 238 13.50 6.47 14.83
N VAL B 239 13.27 7.79 14.71
CA VAL B 239 14.38 8.70 14.44
C VAL B 239 15.36 8.69 15.59
N GLU B 240 14.88 8.70 16.83
CA GLU B 240 15.77 8.90 17.96
C GLU B 240 16.60 7.66 18.24
N THR B 241 15.99 6.49 18.21
CA THR B 241 16.72 5.25 18.43
C THR B 241 17.36 4.71 17.17
N GLU B 242 16.98 5.21 16.00
CA GLU B 242 17.46 4.70 14.72
C GLU B 242 17.19 3.21 14.59
N SER B 243 16.12 2.75 15.22
CA SER B 243 15.78 1.33 15.30
C SER B 243 14.35 1.09 14.85
N VAL B 244 14.10 -0.11 14.33
CA VAL B 244 12.71 -0.52 14.03
C VAL B 244 11.88 -0.53 15.33
N VAL B 245 10.57 -0.48 15.17
CA VAL B 245 9.68 -0.29 16.32
C VAL B 245 8.93 -1.57 16.71
N ILE B 246 8.95 -2.60 15.89
CA ILE B 246 8.46 -3.89 16.29
C ILE B 246 9.57 -4.92 16.09
N LYS B 247 9.57 -5.94 16.94
CA LYS B 247 10.69 -6.86 17.03
C LYS B 247 10.67 -7.93 15.95
N PRO B 248 9.53 -8.56 15.67
CA PRO B 248 9.55 -9.68 14.72
C PRO B 248 9.95 -9.23 13.32
N LYS B 249 10.49 -10.17 12.54
CA LYS B 249 10.68 -10.03 11.10
C LYS B 249 11.42 -8.77 10.71
N GLN B 250 12.44 -8.42 11.51
CA GLN B 250 13.30 -7.29 11.22
C GLN B 250 12.52 -5.98 11.17
N GLY B 251 11.39 -5.92 11.88
CA GLY B 251 10.58 -4.74 11.96
C GLY B 251 9.52 -4.60 10.89
N PHE B 252 9.42 -5.52 9.95
CA PHE B 252 8.42 -5.45 8.89
C PHE B 252 7.07 -5.95 9.42
N GLY B 253 6.00 -5.22 9.12
CA GLY B 253 4.70 -5.60 9.65
C GLY B 253 3.58 -5.00 8.82
N GLY B 254 2.35 -5.40 9.16
CA GLY B 254 1.18 -4.95 8.36
C GLY B 254 0.73 -3.57 8.80
N LEU B 255 0.39 -2.75 7.80
CA LEU B 255 -0.04 -1.39 8.05
C LEU B 255 -1.57 -1.34 8.16
N GLY B 256 -2.05 -0.53 9.10
CA GLY B 256 -3.47 -0.25 9.20
C GLY B 256 -3.68 1.25 9.43
N GLY B 257 -4.96 1.66 9.35
CA GLY B 257 -5.25 3.05 9.65
C GLY B 257 -5.32 3.92 8.41
N ARG B 258 -5.03 5.20 8.56
CA ARG B 258 -5.24 6.11 7.43
C ARG B 258 -4.34 5.80 6.25
N TYR B 259 -3.21 5.12 6.47
CA TYR B 259 -2.35 4.81 5.34
C TYR B 259 -3.07 4.01 4.29
N VAL B 260 -4.05 3.20 4.71
CA VAL B 260 -4.59 2.18 3.83
C VAL B 260 -5.92 2.57 3.21
N PHE B 261 -6.43 3.76 3.54
CA PHE B 261 -7.83 4.07 3.22
C PHE B 261 -8.06 4.10 1.71
N PRO B 262 -7.22 4.77 0.91
CA PRO B 262 -7.51 4.75 -0.54
C PRO B 262 -7.36 3.38 -1.14
N THR B 263 -6.42 2.56 -0.66
CA THR B 263 -6.33 1.19 -1.16
C THR B 263 -7.56 0.39 -0.78
N ALA B 264 -8.04 0.59 0.46
CA ALA B 264 -9.20 -0.15 0.91
C ALA B 264 -10.43 0.21 0.05
N LEU B 265 -10.68 1.49 -0.18
CA LEU B 265 -11.80 1.87 -1.03
C LEU B 265 -11.66 1.27 -2.42
N ALA B 266 -10.44 1.27 -2.95
CA ALA B 266 -10.24 0.71 -4.29
C ALA B 266 -10.63 -0.75 -4.32
N ASN B 267 -10.18 -1.52 -3.32
CA ASN B 267 -10.50 -2.94 -3.31
C ASN B 267 -12.00 -3.17 -3.11
N VAL B 268 -12.62 -2.44 -2.20
CA VAL B 268 -14.06 -2.57 -2.01
C VAL B 268 -14.78 -2.36 -3.34
N ASN B 269 -14.45 -1.27 -4.03
CA ASN B 269 -15.17 -0.96 -5.27
C ASN B 269 -14.83 -1.94 -6.38
N ALA B 270 -13.57 -2.36 -6.50
CA ALA B 270 -13.21 -3.31 -7.56
C ALA B 270 -13.97 -4.61 -7.43
N PHE B 271 -14.09 -5.11 -6.21
CA PHE B 271 -14.86 -6.35 -6.04
C PHE B 271 -16.36 -6.10 -6.03
N TYR B 272 -16.80 -4.93 -5.58
CA TYR B 272 -18.23 -4.62 -5.74
C TYR B 272 -18.63 -4.73 -7.20
N ARG B 273 -17.80 -4.20 -8.10
CA ARG B 273 -18.10 -4.23 -9.53
C ARG B 273 -17.98 -5.63 -10.09
N ARG B 274 -16.99 -6.41 -9.68
CA ARG B 274 -16.78 -7.70 -10.33
C ARG B 274 -17.52 -8.86 -9.70
N CYS B 275 -18.04 -8.71 -8.48
CA CYS B 275 -18.76 -9.80 -7.80
C CYS B 275 -20.15 -9.34 -7.34
N PRO B 276 -21.04 -9.02 -8.29
CA PRO B 276 -22.36 -8.48 -7.88
C PRO B 276 -23.24 -9.48 -7.17
N GLY B 277 -22.95 -10.77 -7.25
CA GLY B 277 -23.72 -11.72 -6.49
C GLY B 277 -23.26 -11.95 -5.08
N LYS B 278 -22.25 -11.21 -4.64
CA LYS B 278 -21.69 -11.32 -3.30
C LYS B 278 -21.74 -9.97 -2.59
N LEU B 279 -21.81 -10.02 -1.28
CA LEU B 279 -21.67 -8.79 -0.50
C LEU B 279 -20.21 -8.44 -0.30
N ILE B 280 -19.91 -7.15 -0.21
CA ILE B 280 -18.59 -6.66 0.13
C ILE B 280 -18.64 -6.03 1.51
N PHE B 281 -17.73 -6.44 2.40
CA PHE B 281 -17.50 -5.76 3.69
C PHE B 281 -16.26 -4.89 3.55
N GLY B 282 -16.35 -3.63 3.95
CA GLY B 282 -15.23 -2.73 3.83
C GLY B 282 -14.46 -2.70 5.15
N CYS B 283 -13.15 -2.72 5.05
CA CYS B 283 -12.30 -2.63 6.23
C CYS B 283 -11.05 -1.86 5.84
N GLY B 284 -10.72 -0.84 6.61
CA GLY B 284 -9.51 -0.09 6.36
C GLY B 284 -9.67 1.41 6.41
N GLY B 285 -8.99 2.04 7.38
CA GLY B 285 -8.88 3.47 7.49
C GLY B 285 -10.07 4.21 8.05
N VAL B 286 -11.02 3.50 8.66
CA VAL B 286 -12.23 4.16 9.15
C VAL B 286 -11.94 4.81 10.48
N TYR B 287 -11.97 6.16 10.51
CA TYR B 287 -11.93 6.93 11.74
C TYR B 287 -13.15 7.83 11.97
N THR B 288 -13.94 8.12 10.93
CA THR B 288 -15.08 9.03 11.05
C THR B 288 -16.28 8.44 10.33
N GLY B 289 -17.45 9.04 10.59
CA GLY B 289 -18.62 8.67 9.82
C GLY B 289 -18.51 8.98 8.35
N GLU B 290 -17.75 10.02 8.01
CA GLU B 290 -17.50 10.31 6.60
C GLU B 290 -16.68 9.21 5.94
N ASP B 291 -15.68 8.66 6.65
CA ASP B 291 -14.92 7.55 6.07
C ASP B 291 -15.83 6.35 5.80
N ALA B 292 -16.75 6.07 6.74
CA ALA B 292 -17.69 4.97 6.57
C ALA B 292 -18.65 5.23 5.43
N PHE B 293 -19.09 6.47 5.30
CA PHE B 293 -19.95 6.85 4.17
C PHE B 293 -19.30 6.52 2.83
N LEU B 294 -17.99 6.78 2.71
CA LEU B 294 -17.30 6.52 1.46
C LEU B 294 -17.16 5.02 1.20
N HIS B 295 -16.91 4.23 2.23
CA HIS B 295 -16.91 2.78 2.03
C HIS B 295 -18.23 2.30 1.51
N VAL B 296 -19.32 2.78 2.11
CA VAL B 296 -20.65 2.35 1.65
C VAL B 296 -20.88 2.81 0.21
N LEU B 297 -20.51 4.05 -0.09
CA LEU B 297 -20.64 4.57 -1.45
C LEU B 297 -19.87 3.70 -2.43
N ALA B 298 -18.69 3.19 -2.00
CA ALA B 298 -17.87 2.32 -2.83
C ALA B 298 -18.46 0.94 -2.98
N GLY B 299 -19.43 0.58 -2.13
CA GLY B 299 -20.07 -0.72 -2.24
C GLY B 299 -20.20 -1.53 -0.96
N ALA B 300 -19.65 -1.02 0.15
CA ALA B 300 -19.63 -1.84 1.38
C ALA B 300 -21.03 -2.01 1.99
N SER B 301 -21.34 -3.26 2.38
CA SER B 301 -22.56 -3.54 3.14
C SER B 301 -22.33 -3.35 4.63
N MET B 302 -21.26 -3.94 5.17
CA MET B 302 -20.77 -3.67 6.52
C MET B 302 -19.43 -2.98 6.45
N VAL B 303 -19.11 -2.28 7.55
CA VAL B 303 -17.91 -1.47 7.67
C VAL B 303 -17.20 -1.87 8.96
N GLN B 304 -15.99 -2.39 8.83
CA GLN B 304 -15.23 -2.87 9.98
C GLN B 304 -14.23 -1.80 10.41
N VAL B 305 -13.93 -1.80 11.72
CA VAL B 305 -13.08 -0.78 12.31
C VAL B 305 -11.99 -1.46 13.13
N GLY B 306 -10.74 -1.23 12.74
CA GLY B 306 -9.58 -1.84 13.38
C GLY B 306 -8.76 -0.86 14.21
N THR B 307 -7.77 -0.22 13.59
CA THR B 307 -6.85 0.62 14.36
C THR B 307 -7.59 1.65 15.19
N ALA B 308 -8.58 2.34 14.60
CA ALA B 308 -9.23 3.41 15.35
C ALA B 308 -9.91 2.84 16.59
N LEU B 309 -10.45 1.63 16.49
CA LEU B 309 -11.11 1.02 17.64
C LEU B 309 -10.09 0.62 18.68
N HIS B 310 -8.93 0.17 18.22
CA HIS B 310 -7.83 -0.15 19.14
C HIS B 310 -7.45 1.05 20.00
N GLU B 311 -7.49 2.25 19.43
CA GLU B 311 -7.09 3.45 20.16
C GLU B 311 -8.21 4.03 21.00
N GLU B 312 -9.44 4.03 20.52
CA GLU B 312 -10.54 4.73 21.18
C GLU B 312 -11.38 3.85 22.08
N GLY B 313 -11.49 2.57 21.80
CA GLY B 313 -12.39 1.69 22.54
C GLY B 313 -13.79 1.67 21.95
N ALA B 314 -14.64 0.84 22.53
CA ALA B 314 -15.94 0.55 21.90
C ALA B 314 -16.93 1.72 21.94
N ALA B 315 -16.64 2.82 22.64
CA ALA B 315 -17.50 3.98 22.47
C ALA B 315 -17.38 4.60 21.08
N ILE B 316 -16.35 4.21 20.30
CA ILE B 316 -16.23 4.75 18.96
C ILE B 316 -17.52 4.49 18.18
N PHE B 317 -18.21 3.39 18.47
CA PHE B 317 -19.38 3.07 17.64
C PHE B 317 -20.52 4.06 17.86
N GLU B 318 -20.63 4.67 19.05
CA GLU B 318 -21.62 5.74 19.22
C GLU B 318 -21.27 6.95 18.40
N ARG B 319 -19.99 7.23 18.26
CA ARG B 319 -19.57 8.38 17.48
C ARG B 319 -19.73 8.14 15.98
N LEU B 320 -19.35 6.95 15.52
CA LEU B 320 -19.43 6.65 14.09
C LEU B 320 -20.88 6.64 13.59
N THR B 321 -21.81 6.07 14.36
CA THR B 321 -23.19 6.09 13.90
C THR B 321 -23.72 7.52 13.85
N ALA B 322 -23.39 8.33 14.86
CA ALA B 322 -23.88 9.70 14.87
C ALA B 322 -23.30 10.47 13.69
N GLU B 323 -22.03 10.25 13.39
CA GLU B 323 -21.40 10.98 12.28
C GLU B 323 -21.94 10.53 10.93
N LEU B 324 -22.16 9.23 10.76
CA LEU B 324 -22.70 8.75 9.50
C LEU B 324 -24.14 9.26 9.30
N LEU B 325 -24.92 9.28 10.38
CA LEU B 325 -26.28 9.82 10.27
C LEU B 325 -26.26 11.29 9.92
N ASP B 326 -25.28 12.04 10.44
CA ASP B 326 -25.19 13.47 10.12
C ASP B 326 -24.87 13.67 8.65
N VAL B 327 -24.01 12.82 8.09
CA VAL B 327 -23.69 12.93 6.68
C VAL B 327 -24.94 12.65 5.85
N MET B 328 -25.65 11.59 6.19
CA MET B 328 -26.85 11.30 5.45
C MET B 328 -27.91 12.40 5.59
N ALA B 329 -28.03 12.98 6.77
CA ALA B 329 -29.03 14.04 6.98
C ALA B 329 -28.73 15.24 6.08
N LYS B 330 -27.46 15.64 5.99
CA LYS B 330 -27.13 16.78 5.15
C LYS B 330 -27.46 16.54 3.69
N LYS B 331 -27.49 15.29 3.23
CA LYS B 331 -27.76 14.95 1.84
C LYS B 331 -29.17 14.44 1.59
N GLY B 332 -29.98 14.26 2.63
CA GLY B 332 -31.34 13.81 2.44
C GLY B 332 -31.51 12.31 2.34
N TYR B 333 -30.48 11.51 2.61
CA TYR B 333 -30.62 10.07 2.54
C TYR B 333 -31.31 9.55 3.79
N LYS B 334 -32.22 8.59 3.60
CA LYS B 334 -32.96 8.00 4.71
C LYS B 334 -32.60 6.54 4.94
N ALA B 335 -31.83 5.93 4.05
CA ALA B 335 -31.45 4.53 4.18
C ALA B 335 -30.15 4.35 3.41
N LEU B 336 -29.35 3.39 3.87
CA LEU B 336 -28.05 3.16 3.24
C LEU B 336 -28.17 2.69 1.80
N ASP B 337 -29.21 1.92 1.48
CA ASP B 337 -29.41 1.45 0.11
C ASP B 337 -29.65 2.60 -0.88
N GLU B 338 -29.92 3.80 -0.39
CA GLU B 338 -30.11 4.93 -1.29
C GLU B 338 -28.79 5.39 -1.92
N PHE B 339 -27.63 5.04 -1.33
CA PHE B 339 -26.36 5.43 -1.94
C PHE B 339 -25.30 4.32 -1.96
N ARG B 340 -25.53 3.16 -1.36
CA ARG B 340 -24.52 2.09 -1.38
C ARG B 340 -24.16 1.75 -2.82
N GLY B 341 -22.87 1.78 -3.12
CA GLY B 341 -22.38 1.44 -4.44
C GLY B 341 -22.58 2.51 -5.48
N LYS B 342 -23.16 3.67 -5.11
CA LYS B 342 -23.53 4.68 -6.09
C LYS B 342 -22.44 5.71 -6.31
N VAL B 343 -21.18 5.35 -6.03
CA VAL B 343 -20.10 6.25 -6.38
C VAL B 343 -20.20 6.65 -7.85
N LYS B 344 -19.98 7.92 -8.15
CA LYS B 344 -20.01 8.40 -9.53
C LYS B 344 -18.60 8.39 -10.09
N ALA B 345 -18.38 7.61 -11.15
CA ALA B 345 -17.04 7.36 -11.68
C ALA B 345 -17.10 7.41 -13.21
N MET B 346 -16.01 6.96 -13.84
CA MET B 346 -15.86 6.89 -15.29
C MET B 346 -16.57 8.00 -16.05
C02 A1BWI C . 4.30 6.20 -13.40
C04 A1BWI C . 3.00 7.66 -11.75
C07 A1BWI C . 2.54 7.92 -14.26
C09 A1BWI C . 3.52 6.81 -14.55
C10 A1BWI C . 4.44 7.05 -15.73
C11 A1BWI C . 4.17 5.89 -16.72
N03 A1BWI C . 4.01 6.61 -12.03
N06 A1BWI C . 2.27 8.30 -12.88
O01 A1BWI C . 5.10 5.36 -13.61
O05 A1BWI C . 2.79 7.97 -10.63
O08 A1BWI C . 1.93 8.45 -15.12
H091 A1BWI C . 2.90 6.06 -15.03
H101 A1BWI C . 5.48 7.03 -15.40
H102 A1BWI C . 4.22 8.00 -16.20
H031 A1BWI C . 4.51 6.18 -11.27
H061 A1BWI C . 1.59 9.00 -12.69
N1 FMN D . 7.27 7.92 -11.61
C2 FMN D . 7.93 7.50 -12.73
O2 FMN D . 8.70 6.57 -12.65
N3 FMN D . 7.70 8.12 -13.95
C4 FMN D . 6.81 9.17 -14.04
O4 FMN D . 6.61 9.74 -15.13
C4A FMN D . 6.13 9.59 -12.90
N5 FMN D . 5.22 10.63 -12.97
C5A FMN D . 4.57 11.07 -11.84
C6 FMN D . 3.69 12.13 -11.92
C7 FMN D . 3.03 12.57 -10.76
C7M FMN D . 2.06 13.71 -10.85
C8 FMN D . 3.27 11.93 -9.54
C8M FMN D . 2.58 12.37 -8.28
C9 FMN D . 4.16 10.88 -9.47
C9A FMN D . 4.81 10.43 -10.62
N10 FMN D . 5.68 9.37 -10.56
C10 FMN D . 6.35 8.96 -11.69
C1' FMN D . 5.94 8.70 -9.25
C2' FMN D . 6.93 9.50 -8.43
O2' FMN D . 8.13 9.48 -9.19
C3' FMN D . 7.10 8.88 -7.04
O3' FMN D . 7.59 7.56 -7.26
C4' FMN D . 5.78 8.85 -6.28
O4' FMN D . 5.05 10.09 -6.36
C5' FMN D . 6.04 8.58 -4.81
O5' FMN D . 6.86 9.59 -4.28
P FMN D . 6.22 10.73 -3.33
O1P FMN D . 7.29 11.69 -2.86
O2P FMN D . 5.60 10.09 -2.12
O3P FMN D . 5.17 11.45 -4.16
HN3 FMN D . 8.21 7.79 -14.80
H6 FMN D . 3.51 12.64 -12.87
HM71 FMN D . 1.17 13.48 -10.27
HM72 FMN D . 1.78 13.88 -11.89
HM73 FMN D . 2.52 14.61 -10.45
HM81 FMN D . 2.99 11.81 -7.44
HM82 FMN D . 1.51 12.17 -8.36
HM83 FMN D . 2.75 13.43 -8.13
H9 FMN D . 4.36 10.39 -8.51
H1'1 FMN D . 6.34 7.70 -9.42
H1'2 FMN D . 5.01 8.60 -8.69
H2' FMN D . 6.62 10.54 -8.26
HO2' FMN D . 8.84 9.04 -8.67
H3' FMN D . 7.78 9.47 -6.44
HO3' FMN D . 6.95 6.91 -6.89
H4' FMN D . 5.18 8.07 -6.74
HO4' FMN D . 4.96 10.47 -5.46
H5'1 FMN D . 6.53 7.62 -4.69
H5'2 FMN D . 5.10 8.55 -4.26
S SO4 E . 7.87 -7.10 -24.85
O1 SO4 E . 7.25 -8.41 -24.77
O2 SO4 E . 7.02 -6.11 -24.17
O3 SO4 E . 9.18 -7.14 -24.19
O4 SO4 E . 8.04 -6.71 -26.26
S SO4 F . 6.40 -13.51 3.10
O1 SO4 F . 4.96 -13.74 3.29
O2 SO4 F . 6.65 -12.07 3.32
O3 SO4 F . 7.17 -14.29 4.07
O4 SO4 F . 6.78 -13.94 1.78
C02 A1BWI G . -1.96 -10.54 11.85
C04 A1BWI G . -2.71 -8.47 10.58
C07 A1BWI G . -3.76 -10.72 9.97
C09 A1BWI G . -2.84 -11.36 10.93
C10 A1BWI G . -3.36 -12.71 11.44
C11 A1BWI G . -2.71 -13.76 10.50
N03 A1BWI G . -1.87 -9.12 11.61
N06 A1BWI G . -3.65 -9.27 9.74
O01 A1BWI G . -1.24 -11.05 12.64
O05 A1BWI G . -2.61 -7.30 10.40
O08 A1BWI G . -4.50 -11.42 9.31
H101 A1BWI G . -4.44 -12.76 11.36
H102 A1BWI G . -3.06 -12.87 12.47
H031 A1BWI G . -1.23 -8.56 12.15
H061 A1BWI G . -4.20 -8.83 9.04
N1 FMN H . -7.11 -9.33 10.40
C2 FMN H . -7.57 -10.63 10.36
O2 FMN H . -8.20 -11.06 9.39
N3 FMN H . -7.32 -11.47 11.43
C4 FMN H . -6.63 -11.03 12.55
O4 FMN H . -6.47 -11.78 13.50
C4A FMN H . -6.18 -9.72 12.59
N5 FMN H . -5.48 -9.27 13.70
C5A FMN H . -5.11 -7.94 13.74
C6 FMN H . -4.47 -7.44 14.88
C7 FMN H . -4.08 -6.12 14.90
C7M FMN H . -3.39 -5.55 16.10
C8 FMN H . -4.35 -5.27 13.82
C8M FMN H . -3.93 -3.83 13.85
C9 FMN H . -5.00 -5.77 12.70
C9A FMN H . -5.39 -7.10 12.65
N10 FMN H . -6.02 -7.59 11.54
C10 FMN H . -6.44 -8.87 11.51
C1' FMN H . -6.31 -6.70 10.37
C2' FMN H . -7.59 -5.87 10.60
O2' FMN H . -8.65 -6.82 10.70
C3' FMN H . -7.81 -4.88 9.46
O3' FMN H . -7.93 -5.62 8.27
C4' FMN H . -6.67 -3.88 9.25
O4' FMN H . -6.18 -3.46 10.49
C5' FMN H . -7.16 -2.64 8.46
O5' FMN H . -8.19 -2.01 9.16
P FMN H . -7.94 -0.63 9.92
O1P FMN H . -7.36 0.41 8.94
O2P FMN H . -6.93 -0.90 11.05
O3P FMN H . -9.23 -0.10 10.54
HN3 FMN H . -7.65 -12.46 11.40
H6 FMN H . -4.28 -8.09 15.73
HM71 FMN H . -3.26 -6.33 16.85
HM72 FMN H . -3.98 -4.75 16.52
HM73 FMN H . -2.41 -5.17 15.81
HM81 FMN H . -4.22 -3.34 12.92
HM82 FMN H . -2.85 -3.78 13.96
HM83 FMN H . -4.40 -3.33 14.70
H9 FMN H . -5.20 -5.11 11.84
H1'1 FMN H . -6.42 -7.29 9.46
H1'2 FMN H . -5.47 -6.01 10.21
H2' FMN H . -7.53 -5.28 11.52
HO2' FMN H . -9.12 -6.68 11.55
H3' FMN H . -8.70 -4.30 9.71
HO3' FMN H . -8.57 -5.18 7.67
H4' FMN H . -5.88 -4.37 8.69
HO4' FMN H . -6.25 -2.48 10.57
H5'1 FMN H . -7.53 -2.96 7.48
H5'2 FMN H . -6.34 -1.96 8.31
C1 GOL I . -3.61 -28.19 2.10
O1 GOL I . -3.87 -29.03 3.24
C2 GOL I . -2.25 -27.49 2.32
O2 GOL I . -1.30 -27.94 1.41
C3 GOL I . -2.53 -26.00 2.13
O3 GOL I . -1.29 -25.34 2.23
H11 GOL I . -4.30 -27.52 1.96
H12 GOL I . -3.57 -28.71 1.28
HO1 GOL I . -3.15 -29.07 3.67
H2 GOL I . -1.91 -27.67 3.21
HO2 GOL I . -0.94 -27.25 1.05
H31 GOL I . -3.18 -25.71 2.80
H32 GOL I . -2.97 -25.86 1.28
HO3 GOL I . -1.46 -24.51 2.36
S SO4 J . 1.89 -12.19 -8.39
O1 SO4 J . 1.08 -12.40 -7.17
O2 SO4 J . 2.36 -10.80 -8.42
O3 SO4 J . 3.03 -13.08 -8.38
O4 SO4 J . 1.08 -12.45 -9.57
S SO4 K . -3.76 -3.11 -14.62
O1 SO4 K . -4.11 -4.52 -14.53
O2 SO4 K . -4.09 -2.44 -13.36
O3 SO4 K . -2.32 -2.98 -14.87
O4 SO4 K . -4.51 -2.48 -15.70
S SO4 L . -25.16 -28.63 26.46
O1 SO4 L . -25.83 -29.28 27.58
O2 SO4 L . -24.47 -27.42 26.93
O3 SO4 L . -24.20 -29.54 25.86
O4 SO4 L . -26.17 -28.26 25.46
#